data_9DDV
#
_entry.id   9DDV
#
_cell.length_a   1.00
_cell.length_b   1.00
_cell.length_c   1.00
_cell.angle_alpha   90.00
_cell.angle_beta   90.00
_cell.angle_gamma   90.00
#
_symmetry.space_group_name_H-M   'P 1'
#
loop_
_entity.id
_entity.type
_entity.pdbx_description
1 polymer 'P2X purinoceptor 2'
2 non-polymer 2-acetamido-2-deoxy-beta-D-glucopyranose
3 water water
#
_entity_poly.entity_id   1
_entity_poly.type   'polypeptide(L)'
_entity_poly.pdbx_seq_one_letter_code
;MAAAQPKYPAGATARRLARGCWSALWDYETPKVIVVRNRRLGVLYRAVQLLILLYFVWYVFIVQKSYQESETGPESSIIT
KVKGITTSEHKVWDVEEYVKPPEGGSVFSIITRVEATHSQTQGTCPESIRVHNATCLSDADCVAGELDMLGNGLRTGRCV
PYYQGPSKTCEVFGWCPVEDGASVSQFLGTMAPNFTILIKNSIHYPKFHFSKGNIADRTDGYLKRCTFHEASDLYCPIFK
LGFIVEKAGESFTELAHKGGVIGVIINWDCDLDLPASECNPKYSFRRLDPKHVPASSGYNFRFAKYYKINGTTTRTLIKA
YGIRIDVIVHGQAGKFSLIPTIINLATALTSVGVGSFLCDWILLTFMNKNKVYSHKKFDKVCTPSHPSGSWPVTLARVLG
QAPPEPGHRSEDQHPSPPSGQEGQQGAECGPAFPPLRPCPISAPSEQMVDTPASEPAQASTPTDPKGLAQL
;
_entity_poly.pdbx_strand_id   A,B,C
#
# COMPACT_ATOMS: atom_id res chain seq x y z
N ARG A 39 57.68 -4.33 35.92
CA ARG A 39 57.14 -3.74 37.14
C ARG A 39 55.92 -2.88 36.84
N ARG A 40 56.07 -1.57 36.99
CA ARG A 40 54.97 -0.66 36.67
C ARG A 40 54.59 -0.76 35.19
N LEU A 41 55.58 -1.07 34.34
CA LEU A 41 55.29 -1.33 32.94
C LEU A 41 54.27 -2.44 32.78
N GLY A 42 54.36 -3.48 33.62
CA GLY A 42 53.36 -4.53 33.59
C GLY A 42 51.97 -4.03 33.97
N VAL A 43 51.91 -3.15 34.97
CA VAL A 43 50.62 -2.61 35.39
C VAL A 43 49.97 -1.82 34.26
N LEU A 44 50.73 -0.93 33.62
CA LEU A 44 50.20 -0.18 32.48
C LEU A 44 49.84 -1.11 31.33
N TYR A 45 50.68 -2.11 31.07
CA TYR A 45 50.48 -3.04 29.98
C TYR A 45 49.16 -3.79 30.14
N ARG A 46 48.85 -4.22 31.36
CA ARG A 46 47.61 -4.96 31.56
C ARG A 46 46.42 -4.02 31.70
N ALA A 47 46.66 -2.78 32.15
CA ALA A 47 45.58 -1.80 32.17
C ALA A 47 45.06 -1.50 30.78
N VAL A 48 45.95 -1.44 29.80
CA VAL A 48 45.52 -1.22 28.42
C VAL A 48 44.61 -2.37 27.95
N GLN A 49 45.01 -3.61 28.25
CA GLN A 49 44.20 -4.75 27.88
C GLN A 49 42.82 -4.69 28.51
N LEU A 50 42.76 -4.36 29.81
CA LEU A 50 41.46 -4.28 30.47
C LEU A 50 40.61 -3.16 29.89
N LEU A 51 41.22 -2.03 29.55
CA LEU A 51 40.44 -0.95 28.92
C LEU A 51 39.84 -1.39 27.60
N ILE A 52 40.62 -2.08 26.76
CA ILE A 52 40.11 -2.52 25.47
C ILE A 52 38.99 -3.54 25.66
N LEU A 53 39.20 -4.49 26.57
CA LEU A 53 38.17 -5.51 26.82
C LEU A 53 36.90 -4.87 27.37
N LEU A 54 37.03 -3.91 28.29
CA LEU A 54 35.82 -3.21 28.79
C LEU A 54 35.11 -2.59 27.59
N TYR A 55 35.83 -1.79 26.81
CA TYR A 55 35.15 -1.12 25.71
C TYR A 55 34.36 -2.11 24.88
N PHE A 56 34.96 -3.24 24.51
CA PHE A 56 34.22 -4.21 23.72
C PHE A 56 33.01 -4.74 24.49
N VAL A 57 33.22 -5.25 25.71
CA VAL A 57 32.14 -5.90 26.46
C VAL A 57 30.99 -4.94 26.70
N TRP A 58 31.28 -3.66 26.93
CA TRP A 58 30.19 -2.73 27.14
C TRP A 58 29.58 -2.30 25.81
N TYR A 59 30.33 -1.54 25.02
CA TYR A 59 29.73 -0.86 23.87
C TYR A 59 29.33 -1.84 22.77
N VAL A 60 30.22 -2.77 22.41
CA VAL A 60 29.94 -3.63 21.26
C VAL A 60 28.83 -4.62 21.60
N PHE A 61 28.84 -5.17 22.81
CA PHE A 61 27.94 -6.26 23.15
C PHE A 61 26.71 -5.81 23.93
N ILE A 62 26.90 -5.19 25.09
CA ILE A 62 25.75 -4.89 25.94
C ILE A 62 24.90 -3.79 25.33
N VAL A 63 25.55 -2.73 24.84
CA VAL A 63 24.82 -1.56 24.37
C VAL A 63 24.27 -1.80 22.96
N GLN A 64 25.15 -2.16 22.02
CA GLN A 64 24.75 -2.26 20.62
C GLN A 64 24.25 -3.65 20.23
N LYS A 65 24.40 -4.64 21.10
CA LYS A 65 23.97 -6.02 20.82
C LYS A 65 24.56 -6.54 19.53
N SER A 66 25.89 -6.46 19.43
CA SER A 66 26.56 -7.05 18.27
C SER A 66 26.56 -8.57 18.31
N TYR A 67 26.13 -9.17 19.42
CA TYR A 67 25.91 -10.60 19.48
C TYR A 67 24.62 -11.03 18.79
N GLN A 68 23.91 -10.09 18.18
CA GLN A 68 22.58 -10.32 17.65
C GLN A 68 22.56 -10.16 16.14
N GLU A 69 21.71 -10.95 15.49
CA GLU A 69 21.38 -10.76 14.09
C GLU A 69 20.01 -10.09 14.01
N SER A 70 19.85 -9.22 13.02
CA SER A 70 18.68 -8.37 12.92
C SER A 70 17.88 -8.67 11.67
N GLU A 71 16.57 -8.53 11.78
CA GLU A 71 15.67 -8.57 10.64
C GLU A 71 14.73 -7.38 10.71
N THR A 72 14.50 -6.76 9.56
CA THR A 72 13.56 -5.65 9.43
C THR A 72 12.53 -6.02 8.36
N GLY A 73 11.45 -5.23 8.31
CA GLY A 73 10.44 -5.39 7.31
C GLY A 73 9.62 -6.66 7.46
N PRO A 74 8.80 -6.71 8.52
CA PRO A 74 7.89 -7.86 8.67
C PRO A 74 6.74 -7.83 7.68
N GLU A 75 5.80 -8.76 7.80
CA GLU A 75 4.61 -8.78 6.97
C GLU A 75 3.43 -8.31 7.80
N SER A 76 2.80 -7.22 7.38
CA SER A 76 1.79 -6.54 8.17
C SER A 76 0.42 -6.61 7.51
N SER A 77 -0.61 -6.60 8.34
CA SER A 77 -1.99 -6.57 7.90
C SER A 77 -2.75 -5.55 8.74
N ILE A 78 -3.34 -4.55 8.09
CA ILE A 78 -4.00 -3.45 8.77
C ILE A 78 -5.48 -3.45 8.40
N ILE A 79 -6.35 -3.48 9.41
CA ILE A 79 -7.79 -3.42 9.24
C ILE A 79 -8.28 -2.24 10.06
N THR A 80 -8.77 -1.21 9.41
CA THR A 80 -9.26 -0.03 10.10
C THR A 80 -10.79 0.03 10.04
N LYS A 81 -11.37 0.73 11.01
CA LYS A 81 -12.82 0.85 11.07
C LYS A 81 -13.14 2.14 11.82
N VAL A 82 -13.54 3.16 11.08
CA VAL A 82 -13.95 4.42 11.68
C VAL A 82 -15.43 4.35 12.02
N LYS A 83 -15.79 4.89 13.18
CA LYS A 83 -17.16 4.80 13.64
C LYS A 83 -17.51 6.06 14.42
N GLY A 84 -18.53 6.76 13.96
CA GLY A 84 -18.93 8.04 14.50
C GLY A 84 -19.88 8.76 13.56
N ILE A 85 -20.70 9.65 14.08
CA ILE A 85 -21.72 10.35 13.30
C ILE A 85 -21.64 11.83 13.63
N THR A 86 -21.80 12.68 12.60
CA THR A 86 -21.73 14.12 12.78
C THR A 86 -22.94 14.80 12.15
N THR A 87 -23.03 16.12 12.33
CA THR A 87 -24.19 16.88 11.89
C THR A 87 -23.74 18.16 11.19
N SER A 88 -24.66 18.68 10.38
CA SER A 88 -24.53 19.97 9.72
C SER A 88 -25.76 20.81 10.04
N GLU A 89 -25.97 21.90 9.31
CA GLU A 89 -27.10 22.79 9.57
C GLU A 89 -28.41 22.03 9.64
N HIS A 90 -28.67 21.15 8.66
CA HIS A 90 -29.85 20.29 8.73
C HIS A 90 -29.57 18.88 8.21
N LYS A 91 -28.31 18.46 8.17
CA LYS A 91 -27.96 17.17 7.61
C LYS A 91 -27.19 16.36 8.63
N VAL A 92 -27.36 15.04 8.58
CA VAL A 92 -26.65 14.10 9.44
C VAL A 92 -25.74 13.26 8.56
N TRP A 93 -24.45 13.25 8.87
CA TRP A 93 -23.44 12.54 8.09
C TRP A 93 -23.01 11.28 8.84
N ASP A 94 -23.06 10.15 8.16
CA ASP A 94 -22.59 8.90 8.73
C ASP A 94 -21.27 8.49 8.10
N VAL A 95 -20.73 7.35 8.55
CA VAL A 95 -19.38 6.95 8.19
C VAL A 95 -19.26 6.75 6.68
N GLU A 96 -20.30 6.23 6.04
CA GLU A 96 -20.27 6.01 4.61
C GLU A 96 -20.01 7.31 3.84
N GLU A 97 -20.37 8.44 4.43
CA GLU A 97 -20.36 9.71 3.70
C GLU A 97 -19.01 10.41 3.81
N TYR A 98 -18.33 10.30 4.94
CA TYR A 98 -17.11 11.06 5.17
C TYR A 98 -15.86 10.21 5.19
N VAL A 99 -15.96 8.89 5.03
CA VAL A 99 -14.80 8.01 5.00
C VAL A 99 -14.62 7.50 3.57
N LYS A 100 -13.49 7.80 2.97
CA LYS A 100 -13.16 7.36 1.62
C LYS A 100 -11.73 6.83 1.64
N PRO A 101 -11.48 5.60 1.17
CA PRO A 101 -12.44 4.61 0.67
C PRO A 101 -13.19 3.89 1.78
N PRO A 102 -14.36 3.34 1.48
CA PRO A 102 -15.14 2.64 2.52
C PRO A 102 -14.43 1.45 3.12
N GLU A 103 -13.63 0.73 2.34
CA GLU A 103 -12.96 -0.47 2.85
C GLU A 103 -11.91 -0.08 3.87
N GLY A 104 -11.78 -0.90 4.92
CA GLY A 104 -10.93 -0.55 6.03
C GLY A 104 -9.49 -0.98 5.88
N GLY A 105 -8.65 -0.09 5.37
CA GLY A 105 -7.26 -0.42 5.12
C GLY A 105 -6.31 0.59 5.69
N SER A 106 -5.06 0.56 5.23
CA SER A 106 -4.01 1.40 5.78
C SER A 106 -4.25 2.89 5.56
N VAL A 107 -4.78 3.26 4.39
CA VAL A 107 -4.94 4.67 4.01
C VAL A 107 -6.41 4.95 3.84
N PHE A 108 -6.92 5.96 4.57
CA PHE A 108 -8.29 6.40 4.42
C PHE A 108 -8.37 7.86 4.81
N SER A 109 -9.40 8.53 4.31
CA SER A 109 -9.60 9.96 4.52
C SER A 109 -10.91 10.19 5.24
N ILE A 110 -10.87 11.00 6.30
CA ILE A 110 -12.06 11.42 7.02
C ILE A 110 -12.36 12.85 6.59
N ILE A 111 -13.45 13.02 5.86
CA ILE A 111 -13.80 14.32 5.30
C ILE A 111 -14.35 15.21 6.40
N THR A 112 -13.76 16.40 6.55
CA THR A 112 -14.19 17.36 7.55
C THR A 112 -14.89 18.57 6.97
N ARG A 113 -14.80 18.78 5.65
CA ARG A 113 -15.46 19.90 5.00
C ARG A 113 -15.61 19.58 3.52
N VAL A 114 -16.74 19.98 2.94
CA VAL A 114 -17.02 19.74 1.54
C VAL A 114 -17.39 21.05 0.86
N GLU A 115 -17.13 21.12 -0.44
CA GLU A 115 -17.62 22.19 -1.30
C GLU A 115 -18.36 21.51 -2.45
N ALA A 116 -19.67 21.35 -2.31
CA ALA A 116 -20.47 20.58 -3.24
C ALA A 116 -21.09 21.51 -4.29
N THR A 117 -20.93 21.14 -5.56
CA THR A 117 -21.55 21.84 -6.68
C THR A 117 -22.64 20.95 -7.23
N HIS A 118 -23.89 21.27 -6.91
CA HIS A 118 -25.02 20.42 -7.27
C HIS A 118 -25.48 20.69 -8.69
N SER A 119 -26.17 19.70 -9.26
CA SER A 119 -26.84 19.82 -10.55
C SER A 119 -25.86 20.23 -11.65
N GLN A 120 -24.69 19.60 -11.67
CA GLN A 120 -23.72 19.84 -12.73
C GLN A 120 -24.07 19.00 -13.94
N THR A 121 -24.22 19.64 -15.08
CA THR A 121 -24.52 18.97 -16.34
C THR A 121 -23.51 19.42 -17.40
N GLN A 122 -23.41 18.62 -18.46
CA GLN A 122 -22.52 18.94 -19.56
C GLN A 122 -23.15 20.03 -20.40
N GLY A 123 -22.62 21.24 -20.31
CA GLY A 123 -23.20 22.36 -21.03
C GLY A 123 -22.23 23.51 -21.08
N THR A 124 -22.77 24.68 -21.41
CA THR A 124 -21.98 25.89 -21.57
C THR A 124 -22.24 26.86 -20.44
N CYS A 125 -21.18 27.41 -19.89
CA CYS A 125 -21.26 28.27 -18.70
C CYS A 125 -20.00 29.12 -18.64
N PRO A 126 -20.02 30.21 -17.87
CA PRO A 126 -18.82 31.04 -17.74
C PRO A 126 -17.67 30.28 -17.10
N GLU A 127 -16.45 30.63 -17.51
CA GLU A 127 -15.26 30.08 -16.91
C GLU A 127 -15.02 30.67 -15.52
N SER A 128 -14.31 29.92 -14.69
CA SER A 128 -13.94 30.40 -13.37
C SER A 128 -13.04 31.63 -13.48
N ILE A 129 -13.23 32.59 -12.57
CA ILE A 129 -12.44 33.86 -12.66
C ILE A 129 -10.99 33.59 -12.28
N ARG A 130 -10.70 32.38 -11.78
CA ARG A 130 -9.34 32.05 -11.31
C ARG A 130 -8.53 31.40 -12.45
N VAL A 131 -9.15 31.16 -13.60
CA VAL A 131 -8.45 30.49 -14.72
C VAL A 131 -7.66 31.54 -15.50
N HIS A 132 -6.42 31.22 -15.90
CA HIS A 132 -5.59 32.16 -16.64
C HIS A 132 -6.36 32.79 -17.79
N ASN A 133 -6.21 34.10 -17.93
CA ASN A 133 -6.83 34.97 -18.92
C ASN A 133 -8.24 34.52 -19.29
N ALA A 134 -9.05 34.23 -18.28
CA ALA A 134 -10.46 33.92 -18.49
C ALA A 134 -11.32 35.17 -18.59
N THR A 135 -10.88 36.28 -18.01
CA THR A 135 -11.66 37.51 -18.07
C THR A 135 -11.65 38.09 -19.48
N CYS A 136 -12.83 38.47 -19.96
CA CYS A 136 -12.98 39.00 -21.30
C CYS A 136 -13.84 40.25 -21.25
N LEU A 137 -13.59 41.14 -22.21
CA LEU A 137 -14.40 42.33 -22.43
C LEU A 137 -15.29 42.22 -23.64
N SER A 138 -14.95 41.36 -24.59
CA SER A 138 -15.76 41.14 -25.78
C SER A 138 -15.43 39.75 -26.31
N ASP A 139 -16.16 39.36 -27.36
CA ASP A 139 -15.95 38.03 -27.94
C ASP A 139 -14.56 37.89 -28.55
N ALA A 140 -13.92 38.98 -28.95
CA ALA A 140 -12.60 38.89 -29.55
C ALA A 140 -11.54 38.44 -28.56
N ASP A 141 -11.76 38.65 -27.26
CA ASP A 141 -10.81 38.25 -26.24
C ASP A 141 -10.85 36.75 -25.95
N CYS A 142 -11.84 36.03 -26.47
CA CYS A 142 -11.96 34.60 -26.27
C CYS A 142 -11.66 33.87 -27.58
N VAL A 143 -10.80 32.87 -27.51
CA VAL A 143 -10.38 32.09 -28.68
C VAL A 143 -11.19 30.82 -28.70
N ALA A 144 -11.86 30.55 -29.84
CA ALA A 144 -12.74 29.40 -29.95
C ALA A 144 -11.92 28.11 -29.99
N GLY A 145 -12.47 27.07 -29.36
CA GLY A 145 -11.86 25.76 -29.42
C GLY A 145 -10.60 25.62 -28.59
N GLU A 146 -10.40 26.49 -27.61
CA GLU A 146 -9.20 26.46 -26.79
C GLU A 146 -9.48 25.70 -25.49
N LEU A 147 -8.77 24.59 -25.30
CA LEU A 147 -8.89 23.79 -24.09
C LEU A 147 -7.64 24.01 -23.25
N ASP A 148 -7.81 24.65 -22.10
CA ASP A 148 -6.72 24.84 -21.14
C ASP A 148 -6.70 23.65 -20.19
N MET A 149 -5.53 23.05 -19.94
CA MET A 149 -5.48 21.85 -19.08
C MET A 149 -5.88 22.23 -17.66
N LEU A 150 -5.65 23.48 -17.27
CA LEU A 150 -6.03 23.97 -15.92
C LEU A 150 -7.36 24.70 -16.01
N GLY A 151 -8.00 24.68 -17.18
CA GLY A 151 -9.34 25.30 -17.34
C GLY A 151 -10.45 24.32 -17.01
N ASN A 152 -11.70 24.75 -17.11
CA ASN A 152 -12.84 23.87 -16.72
C ASN A 152 -13.64 23.47 -17.95
N GLY A 153 -13.07 23.60 -19.15
CA GLY A 153 -13.78 23.15 -20.33
C GLY A 153 -13.17 23.71 -21.60
N LEU A 154 -13.85 23.43 -22.71
CA LEU A 154 -13.46 23.89 -24.03
C LEU A 154 -14.16 25.21 -24.31
N ARG A 155 -13.39 26.23 -24.68
CA ARG A 155 -13.94 27.57 -24.80
C ARG A 155 -14.82 27.70 -26.03
N THR A 156 -16.04 28.19 -25.83
CA THR A 156 -16.98 28.33 -26.94
C THR A 156 -16.55 29.43 -27.89
N GLY A 157 -15.99 30.52 -27.36
CA GLY A 157 -15.52 31.62 -28.18
C GLY A 157 -16.28 32.91 -28.03
N ARG A 158 -17.19 33.03 -27.07
CA ARG A 158 -17.91 34.27 -26.87
C ARG A 158 -17.96 34.61 -25.39
N CYS A 159 -17.88 35.91 -25.10
CA CYS A 159 -17.82 36.44 -23.75
C CYS A 159 -19.20 36.37 -23.11
N VAL A 160 -19.26 35.85 -21.89
CA VAL A 160 -20.55 35.71 -21.19
C VAL A 160 -20.47 36.36 -19.82
N PRO A 161 -21.57 36.87 -19.27
CA PRO A 161 -21.53 37.45 -17.92
C PRO A 161 -21.21 36.40 -16.87
N TYR A 162 -20.48 36.81 -15.84
CA TYR A 162 -20.12 35.91 -14.77
C TYR A 162 -21.34 35.59 -13.90
N TYR A 163 -21.16 34.60 -13.01
CA TYR A 163 -22.25 34.22 -12.13
C TYR A 163 -22.66 35.37 -11.22
N GLN A 164 -21.69 36.10 -10.68
CA GLN A 164 -21.94 37.34 -9.94
C GLN A 164 -21.28 38.48 -10.69
N GLY A 165 -22.01 39.57 -10.88
CA GLY A 165 -21.54 40.66 -11.67
C GLY A 165 -20.39 41.41 -11.01
N PRO A 166 -19.81 42.38 -11.74
CA PRO A 166 -20.20 42.73 -13.10
C PRO A 166 -19.23 42.20 -14.17
N SER A 167 -18.32 41.32 -13.77
CA SER A 167 -17.27 40.86 -14.66
C SER A 167 -17.83 39.92 -15.73
N LYS A 168 -17.00 39.68 -16.75
CA LYS A 168 -17.35 38.79 -17.85
C LYS A 168 -16.21 37.83 -18.09
N THR A 169 -16.52 36.55 -18.24
CA THR A 169 -15.54 35.50 -18.43
C THR A 169 -15.81 34.74 -19.72
N CYS A 170 -14.76 34.13 -20.26
CA CYS A 170 -14.88 33.37 -21.49
C CYS A 170 -15.77 32.16 -21.26
N GLU A 171 -16.75 31.97 -22.16
CA GLU A 171 -17.65 30.83 -22.05
C GLU A 171 -16.92 29.54 -22.36
N VAL A 172 -17.25 28.48 -21.63
CA VAL A 172 -16.63 27.19 -21.82
C VAL A 172 -17.70 26.12 -21.92
N PHE A 173 -17.37 25.03 -22.59
CA PHE A 173 -18.21 23.83 -22.62
C PHE A 173 -17.56 22.78 -21.73
N GLY A 174 -18.30 22.36 -20.70
CA GLY A 174 -17.82 21.33 -19.80
C GLY A 174 -18.89 20.98 -18.79
N TRP A 175 -18.48 20.59 -17.59
CA TRP A 175 -19.42 20.35 -16.51
C TRP A 175 -19.81 21.67 -15.89
N CYS A 176 -21.09 22.03 -15.98
CA CYS A 176 -21.54 23.35 -15.61
C CYS A 176 -22.71 23.26 -14.66
N PRO A 177 -22.80 24.19 -13.69
CA PRO A 177 -21.90 25.32 -13.46
C PRO A 177 -20.57 24.94 -12.84
N VAL A 178 -19.55 25.79 -13.03
CA VAL A 178 -18.22 25.47 -12.52
C VAL A 178 -18.23 25.54 -11.00
N GLU A 179 -17.25 24.86 -10.39
CA GLU A 179 -17.15 24.85 -8.93
C GLU A 179 -16.90 26.23 -8.37
N ASP A 180 -16.05 27.02 -9.00
CA ASP A 180 -15.71 28.33 -8.47
C ASP A 180 -16.84 29.35 -8.60
N GLY A 181 -18.02 28.94 -9.06
CA GLY A 181 -19.12 29.87 -9.19
C GLY A 181 -20.42 29.40 -8.54
N ALA A 182 -20.54 28.10 -8.26
CA ALA A 182 -21.79 27.58 -7.73
C ALA A 182 -21.57 26.52 -6.65
N SER A 183 -20.50 26.63 -5.87
CA SER A 183 -20.22 25.66 -4.83
C SER A 183 -20.67 26.18 -3.46
N VAL A 184 -21.19 25.27 -2.64
CA VAL A 184 -21.66 25.59 -1.30
C VAL A 184 -20.84 24.77 -0.31
N SER A 185 -20.27 25.45 0.68
CA SER A 185 -19.40 24.81 1.66
C SER A 185 -20.18 24.36 2.88
N GLN A 186 -19.95 23.12 3.29
CA GLN A 186 -20.54 22.57 4.51
C GLN A 186 -19.43 22.04 5.39
N PHE A 187 -19.43 22.42 6.66
CA PHE A 187 -18.44 21.95 7.62
C PHE A 187 -18.98 20.73 8.33
N LEU A 188 -18.28 19.60 8.17
CA LEU A 188 -18.72 18.34 8.74
C LEU A 188 -18.11 18.11 10.12
N GLY A 189 -16.85 18.49 10.29
CA GLY A 189 -16.08 18.08 11.44
C GLY A 189 -16.28 18.89 12.70
N THR A 190 -17.54 19.16 13.05
CA THR A 190 -17.81 19.72 14.38
C THR A 190 -17.53 18.69 15.46
N MET A 191 -17.89 17.43 15.21
CA MET A 191 -17.66 16.33 16.14
C MET A 191 -16.80 15.23 15.53
N ALA A 192 -15.95 15.58 14.59
CA ALA A 192 -14.88 14.72 14.10
C ALA A 192 -13.90 14.31 15.20
N PRO A 193 -13.54 15.18 16.14
CA PRO A 193 -12.61 14.75 17.20
C PRO A 193 -13.10 13.55 18.01
N ASN A 194 -14.40 13.33 18.09
CA ASN A 194 -14.95 12.20 18.82
C ASN A 194 -15.10 10.95 17.97
N PHE A 195 -14.72 11.00 16.69
CA PHE A 195 -14.70 9.80 15.87
C PHE A 195 -13.62 8.86 16.36
N THR A 196 -13.93 7.56 16.35
CA THR A 196 -13.01 6.54 16.84
C THR A 196 -12.58 5.65 15.69
N ILE A 197 -11.27 5.44 15.58
CA ILE A 197 -10.68 4.58 14.57
C ILE A 197 -10.11 3.35 15.26
N LEU A 198 -10.44 2.16 14.75
CA LEU A 198 -9.99 0.89 15.30
C LEU A 198 -9.01 0.26 14.31
N ILE A 199 -7.72 0.36 14.61
CA ILE A 199 -6.69 -0.25 13.78
C ILE A 199 -6.44 -1.67 14.28
N LYS A 200 -6.48 -2.63 13.34
CA LYS A 200 -6.20 -4.03 13.64
C LYS A 200 -4.95 -4.43 12.89
N ASN A 201 -3.85 -4.63 13.61
CA ASN A 201 -2.56 -4.93 13.00
C ASN A 201 -2.09 -6.31 13.42
N SER A 202 -1.30 -6.92 12.54
CA SER A 202 -0.73 -8.25 12.78
C SER A 202 0.55 -8.35 11.97
N ILE A 203 1.66 -8.68 12.61
CA ILE A 203 2.95 -8.75 11.95
C ILE A 203 3.41 -10.20 11.87
N HIS A 204 4.50 -10.42 11.14
CA HIS A 204 5.17 -11.72 11.11
C HIS A 204 6.60 -11.50 10.65
N TYR A 205 7.55 -12.09 11.38
CA TYR A 205 8.97 -12.04 11.03
C TYR A 205 9.39 -13.39 10.47
N PRO A 206 9.61 -13.52 9.16
CA PRO A 206 9.84 -14.85 8.59
C PRO A 206 11.10 -15.54 9.09
N LYS A 207 12.25 -14.86 9.02
CA LYS A 207 13.52 -15.49 9.36
C LYS A 207 13.54 -15.95 10.81
N PHE A 208 12.90 -15.20 11.70
CA PHE A 208 12.89 -15.50 13.12
C PHE A 208 11.62 -16.21 13.56
N HIS A 209 10.69 -16.45 12.65
CA HIS A 209 9.43 -17.15 12.95
C HIS A 209 8.72 -16.55 14.14
N PHE A 210 8.52 -15.23 14.08
CA PHE A 210 7.81 -14.50 15.12
C PHE A 210 6.56 -13.87 14.51
N SER A 211 5.42 -14.04 15.16
CA SER A 211 4.15 -13.49 14.70
C SER A 211 3.36 -12.94 15.87
N LYS A 212 2.85 -11.72 15.73
CA LYS A 212 2.07 -11.10 16.80
C LYS A 212 1.11 -10.07 16.21
N GLY A 213 0.07 -9.76 16.98
CA GLY A 213 -0.89 -8.72 16.64
C GLY A 213 -0.96 -7.64 17.71
N ASN A 214 -1.91 -6.74 17.53
CA ASN A 214 -2.10 -5.62 18.45
C ASN A 214 -3.40 -5.68 19.24
N ILE A 215 -4.07 -6.82 19.25
CA ILE A 215 -5.24 -7.03 20.10
C ILE A 215 -5.06 -8.36 20.82
N ALA A 216 -5.30 -8.34 22.13
CA ALA A 216 -5.14 -9.51 22.97
C ALA A 216 -6.36 -10.42 22.82
N ASP A 217 -6.10 -11.72 22.74
CA ASP A 217 -7.15 -12.72 22.56
C ASP A 217 -7.97 -12.81 23.84
N ARG A 218 -9.11 -12.14 23.88
CA ARG A 218 -9.93 -12.06 25.07
C ARG A 218 -11.40 -12.21 24.70
N THR A 219 -12.21 -12.51 25.71
CA THR A 219 -13.65 -12.63 25.55
C THR A 219 -14.40 -11.92 26.67
N ASP A 220 -13.81 -10.84 27.20
CA ASP A 220 -14.35 -10.14 28.36
C ASP A 220 -15.12 -8.87 27.97
N GLY A 221 -15.45 -8.69 26.70
CA GLY A 221 -16.07 -7.45 26.26
C GLY A 221 -15.16 -6.26 26.40
N TYR A 222 -13.90 -6.41 25.97
CA TYR A 222 -12.90 -5.37 26.19
C TYR A 222 -13.02 -4.25 25.16
N LEU A 223 -13.03 -4.60 23.87
CA LEU A 223 -13.02 -3.60 22.81
C LEU A 223 -14.29 -2.76 22.76
N LYS A 224 -15.35 -3.16 23.46
CA LYS A 224 -16.59 -2.39 23.43
C LYS A 224 -16.63 -1.29 24.48
N ARG A 225 -15.66 -1.23 25.39
CA ARG A 225 -15.65 -0.19 26.42
C ARG A 225 -14.28 0.37 26.73
N CYS A 226 -13.23 -0.02 26.01
CA CYS A 226 -11.89 0.38 26.35
C CYS A 226 -11.48 1.66 25.62
N THR A 227 -10.50 2.36 26.20
CA THR A 227 -9.88 3.53 25.61
C THR A 227 -8.37 3.34 25.63
N PHE A 228 -7.71 3.71 24.53
CA PHE A 228 -6.29 3.43 24.37
C PHE A 228 -5.46 4.23 25.37
N HIS A 229 -4.45 3.59 25.95
CA HIS A 229 -3.43 4.23 26.76
C HIS A 229 -2.12 3.51 26.51
N GLU A 230 -1.05 4.27 26.27
CA GLU A 230 0.21 3.64 25.87
C GLU A 230 0.78 2.73 26.94
N ALA A 231 0.32 2.87 28.18
CA ALA A 231 0.76 2.00 29.27
C ALA A 231 -0.37 1.11 29.79
N SER A 232 -1.51 1.71 30.17
CA SER A 232 -2.59 0.94 30.77
C SER A 232 -3.26 0.02 29.75
N ASP A 233 -3.62 0.56 28.59
CA ASP A 233 -4.39 -0.18 27.59
C ASP A 233 -3.68 -0.07 26.24
N LEU A 234 -2.69 -0.92 26.02
CA LEU A 234 -1.95 -0.89 24.77
C LEU A 234 -2.51 -1.84 23.73
N TYR A 235 -3.32 -2.81 24.14
CA TYR A 235 -4.00 -3.73 23.23
C TYR A 235 -5.47 -3.37 23.09
N CYS A 236 -5.78 -2.08 23.15
CA CYS A 236 -7.07 -1.52 22.78
C CYS A 236 -6.78 -0.42 21.77
N PRO A 237 -6.54 -0.77 20.51
CA PRO A 237 -6.18 0.22 19.48
C PRO A 237 -7.38 0.97 18.91
N ILE A 238 -8.22 1.50 19.79
CA ILE A 238 -9.34 2.35 19.40
C ILE A 238 -8.97 3.78 19.76
N PHE A 239 -8.66 4.58 18.75
CA PHE A 239 -8.19 5.95 18.94
C PHE A 239 -9.25 6.93 18.50
N LYS A 240 -9.49 7.95 19.31
CA LYS A 240 -10.24 9.10 18.85
C LYS A 240 -9.39 9.92 17.89
N LEU A 241 -10.06 10.52 16.90
CA LEU A 241 -9.36 11.35 15.93
C LEU A 241 -8.68 12.54 16.60
N GLY A 242 -9.36 13.15 17.58
CA GLY A 242 -8.77 14.24 18.32
C GLY A 242 -7.53 13.85 19.10
N PHE A 243 -7.51 12.65 19.67
CA PHE A 243 -6.32 12.15 20.35
C PHE A 243 -5.16 11.99 19.36
N ILE A 244 -5.43 11.43 18.19
CA ILE A 244 -4.39 11.27 17.17
C ILE A 244 -3.85 12.64 16.76
N VAL A 245 -4.74 13.61 16.58
CA VAL A 245 -4.31 14.93 16.14
C VAL A 245 -3.49 15.63 17.22
N GLU A 246 -3.94 15.56 18.48
CA GLU A 246 -3.21 16.25 19.54
C GLU A 246 -1.86 15.60 19.82
N LYS A 247 -1.78 14.27 19.73
CA LYS A 247 -0.50 13.60 19.84
C LYS A 247 0.42 13.93 18.67
N ALA A 248 -0.14 14.29 17.52
CA ALA A 248 0.66 14.74 16.39
C ALA A 248 1.05 16.21 16.50
N GLY A 249 0.58 16.91 17.52
CA GLY A 249 0.91 18.31 17.69
C GLY A 249 0.10 19.26 16.84
N GLU A 250 -1.01 18.81 16.27
CA GLU A 250 -1.77 19.60 15.33
C GLU A 250 -3.01 20.20 16.00
N SER A 251 -3.51 21.28 15.40
CA SER A 251 -4.75 21.91 15.82
C SER A 251 -5.88 21.41 14.93
N PHE A 252 -6.97 20.97 15.56
CA PHE A 252 -8.02 20.28 14.82
C PHE A 252 -8.75 21.21 13.87
N THR A 253 -8.98 22.46 14.27
CA THR A 253 -9.73 23.38 13.42
C THR A 253 -8.98 23.67 12.13
N GLU A 254 -7.69 23.97 12.23
CA GLU A 254 -6.89 24.25 11.05
C GLU A 254 -6.70 23.01 10.18
N LEU A 255 -6.47 21.86 10.80
CA LEU A 255 -6.32 20.61 10.07
C LEU A 255 -7.64 20.08 9.51
N ALA A 256 -8.77 20.65 9.94
CA ALA A 256 -10.09 20.24 9.49
C ALA A 256 -10.63 21.13 8.39
N HIS A 257 -10.40 22.43 8.49
CA HIS A 257 -10.86 23.34 7.44
C HIS A 257 -10.02 23.17 6.17
N LYS A 258 -8.71 23.12 6.30
CA LYS A 258 -7.83 23.01 5.14
C LYS A 258 -7.45 21.58 4.80
N GLY A 259 -7.52 20.68 5.78
CA GLY A 259 -7.14 19.30 5.56
C GLY A 259 -5.71 19.02 5.97
N GLY A 260 -5.39 17.73 6.04
CA GLY A 260 -4.05 17.33 6.41
C GLY A 260 -3.91 15.83 6.34
N VAL A 261 -2.67 15.38 6.52
CA VAL A 261 -2.34 13.97 6.54
C VAL A 261 -1.63 13.66 7.84
N ILE A 262 -2.17 12.73 8.60
CA ILE A 262 -1.60 12.29 9.87
C ILE A 262 -1.29 10.80 9.77
N GLY A 263 -0.08 10.43 10.18
CA GLY A 263 0.37 9.05 10.11
C GLY A 263 0.40 8.41 11.49
N VAL A 264 -0.23 7.25 11.60
CA VAL A 264 -0.19 6.44 12.80
C VAL A 264 0.89 5.38 12.58
N ILE A 265 2.04 5.56 13.23
CA ILE A 265 3.19 4.70 13.02
C ILE A 265 3.24 3.67 14.14
N ILE A 266 3.32 2.40 13.76
CA ILE A 266 3.49 1.30 14.71
C ILE A 266 4.88 0.72 14.50
N ASN A 267 5.72 0.82 15.53
CA ASN A 267 7.07 0.29 15.51
C ASN A 267 7.14 -0.94 16.41
N TRP A 268 7.45 -2.09 15.82
CA TRP A 268 7.67 -3.32 16.57
C TRP A 268 9.16 -3.57 16.81
N ASP A 269 9.84 -2.64 17.46
CA ASP A 269 11.23 -2.88 17.83
C ASP A 269 11.28 -4.03 18.82
N CYS A 270 11.76 -5.17 18.36
CA CYS A 270 11.54 -6.43 19.06
C CYS A 270 12.89 -7.06 19.39
N ASP A 271 13.03 -7.52 20.63
CA ASP A 271 14.16 -8.34 21.05
C ASP A 271 13.65 -9.75 21.30
N LEU A 272 14.11 -10.70 20.48
CA LEU A 272 13.56 -12.05 20.50
C LEU A 272 14.21 -12.95 21.53
N ASP A 273 15.28 -12.52 22.19
CA ASP A 273 15.79 -13.29 23.31
C ASP A 273 14.83 -13.23 24.49
N LEU A 274 14.06 -12.16 24.59
CA LEU A 274 13.03 -12.02 25.60
C LEU A 274 11.75 -12.73 25.18
N PRO A 275 10.89 -13.09 26.13
CA PRO A 275 9.64 -13.79 25.79
C PRO A 275 8.76 -12.93 24.88
N ALA A 276 7.75 -13.59 24.30
CA ALA A 276 6.85 -12.92 23.37
C ALA A 276 6.02 -11.83 24.04
N SER A 277 5.85 -11.89 25.37
CA SER A 277 5.16 -10.82 26.08
C SER A 277 5.99 -9.56 26.18
N GLU A 278 7.26 -9.60 25.80
CA GLU A 278 8.15 -8.44 25.82
C GLU A 278 8.25 -7.77 24.46
N CYS A 279 7.47 -8.20 23.48
CA CYS A 279 7.39 -7.55 22.17
C CYS A 279 6.06 -6.84 22.06
N ASN A 280 6.11 -5.51 21.97
CA ASN A 280 4.91 -4.69 22.05
C ASN A 280 4.89 -3.69 20.92
N PRO A 281 3.70 -3.20 20.54
CA PRO A 281 3.61 -2.18 19.50
C PRO A 281 3.79 -0.78 20.09
N LYS A 282 4.54 0.08 19.41
CA LYS A 282 4.67 1.49 19.88
C LYS A 282 3.99 2.40 18.87
N TYR A 283 2.92 3.07 19.30
CA TYR A 283 2.14 3.91 18.35
C TYR A 283 2.64 5.35 18.44
N SER A 284 3.11 5.88 17.30
CA SER A 284 3.55 7.29 17.24
C SER A 284 2.67 7.99 16.19
N PHE A 285 2.37 9.26 16.42
CA PHE A 285 1.54 10.02 15.51
C PHE A 285 2.31 11.25 15.06
N ARG A 286 2.34 11.48 13.76
CA ARG A 286 3.00 12.67 13.23
C ARG A 286 2.34 13.06 11.93
N ARG A 287 2.40 14.36 11.62
CA ARG A 287 1.83 14.86 10.38
C ARG A 287 2.79 14.56 9.23
N LEU A 288 2.25 14.05 8.13
CA LEU A 288 3.08 13.60 7.03
C LEU A 288 3.11 14.55 5.84
N ASP A 289 2.20 15.51 5.78
CA ASP A 289 2.19 16.44 4.66
C ASP A 289 3.15 17.59 4.92
N PRO A 290 3.54 18.32 3.86
CA PRO A 290 4.42 19.49 4.07
C PRO A 290 3.68 20.63 4.74
N LYS A 291 3.55 20.56 6.06
CA LYS A 291 2.78 21.53 6.82
C LYS A 291 3.39 22.93 6.76
N HIS A 292 4.64 23.06 6.36
CA HIS A 292 5.31 24.36 6.33
C HIS A 292 5.24 25.03 4.97
N VAL A 293 5.20 24.27 3.88
CA VAL A 293 5.09 24.84 2.55
C VAL A 293 3.66 25.36 2.36
N PRO A 294 3.48 26.66 2.12
CA PRO A 294 2.11 27.17 1.93
C PRO A 294 1.38 26.56 0.76
N ALA A 295 2.08 26.24 -0.33
CA ALA A 295 1.40 25.72 -1.52
C ALA A 295 0.92 24.30 -1.31
N SER A 296 1.76 23.44 -0.74
CA SER A 296 1.47 22.02 -0.64
C SER A 296 0.86 21.60 0.70
N SER A 297 0.58 22.54 1.59
CA SER A 297 -0.03 22.20 2.87
C SER A 297 -1.53 22.00 2.70
N GLY A 298 -2.03 20.87 3.18
CA GLY A 298 -3.44 20.54 3.08
C GLY A 298 -3.65 19.24 2.32
N TYR A 299 -4.87 18.73 2.47
CA TYR A 299 -5.28 17.52 1.75
C TYR A 299 -6.71 17.70 1.29
N ASN A 300 -6.96 17.42 0.01
CA ASN A 300 -8.29 17.50 -0.55
C ASN A 300 -8.38 16.64 -1.80
N PHE A 301 -9.60 16.30 -2.19
CA PHE A 301 -9.84 15.55 -3.41
C PHE A 301 -11.28 15.77 -3.84
N ARG A 302 -11.57 15.42 -5.08
CA ARG A 302 -12.90 15.58 -5.67
C ARG A 302 -13.50 14.21 -5.97
N PHE A 303 -14.78 14.06 -5.65
CA PHE A 303 -15.58 12.94 -6.11
C PHE A 303 -16.98 13.45 -6.40
N ALA A 304 -17.70 12.75 -7.25
CA ALA A 304 -19.00 13.19 -7.71
C ALA A 304 -20.04 12.09 -7.53
N LYS A 305 -21.29 12.53 -7.40
CA LYS A 305 -22.46 11.64 -7.32
C LYS A 305 -23.24 11.82 -8.60
N TYR A 306 -23.43 10.72 -9.33
CA TYR A 306 -23.98 10.78 -10.68
C TYR A 306 -25.44 10.38 -10.70
N TYR A 307 -26.26 11.18 -11.39
CA TYR A 307 -27.68 10.93 -11.50
C TYR A 307 -28.13 11.12 -12.94
N LYS A 308 -29.23 10.47 -13.28
CA LYS A 308 -29.96 10.71 -14.54
C LYS A 308 -31.21 11.49 -14.20
N ILE A 309 -31.29 12.73 -14.68
CA ILE A 309 -32.46 13.57 -14.50
C ILE A 309 -33.05 13.84 -15.88
N ASN A 310 -34.25 13.30 -16.13
CA ASN A 310 -34.94 13.43 -17.41
C ASN A 310 -34.07 12.93 -18.56
N GLY A 311 -33.33 11.85 -18.31
CA GLY A 311 -32.49 11.25 -19.32
C GLY A 311 -31.14 11.90 -19.53
N THR A 312 -30.85 12.97 -18.81
CA THR A 312 -29.58 13.68 -18.93
C THR A 312 -28.74 13.43 -17.69
N THR A 313 -27.45 13.19 -17.89
CA THR A 313 -26.55 12.87 -16.79
C THR A 313 -26.20 14.14 -16.03
N THR A 314 -26.71 14.26 -14.81
CA THR A 314 -26.30 15.31 -13.89
C THR A 314 -25.38 14.71 -12.82
N ARG A 315 -24.68 15.59 -12.11
CA ARG A 315 -23.77 15.12 -11.09
C ARG A 315 -23.62 16.18 -10.00
N THR A 316 -23.15 15.73 -8.85
CA THR A 316 -22.87 16.59 -7.70
C THR A 316 -21.39 16.48 -7.40
N LEU A 317 -20.61 17.44 -7.89
CA LEU A 317 -19.17 17.45 -7.66
C LEU A 317 -18.90 17.91 -6.23
N ILE A 318 -18.24 17.06 -5.47
CA ILE A 318 -17.91 17.34 -4.07
C ILE A 318 -16.39 17.44 -3.96
N LYS A 319 -15.91 18.60 -3.51
CA LYS A 319 -14.51 18.78 -3.16
C LYS A 319 -14.36 18.62 -1.65
N ALA A 320 -13.67 17.57 -1.25
CA ALA A 320 -13.62 17.16 0.15
C ALA A 320 -12.29 17.53 0.77
N TYR A 321 -12.34 18.35 1.82
CA TYR A 321 -11.18 18.62 2.65
C TYR A 321 -11.27 17.76 3.90
N GLY A 322 -10.22 17.02 4.18
CA GLY A 322 -10.26 16.13 5.33
C GLY A 322 -8.89 15.70 5.78
N ILE A 323 -8.88 14.87 6.81
CA ILE A 323 -7.67 14.35 7.42
C ILE A 323 -7.50 12.92 6.95
N ARG A 324 -6.39 12.67 6.24
CA ARG A 324 -6.04 11.30 5.80
C ARG A 324 -5.25 10.59 6.90
N ILE A 325 -5.64 9.36 7.28
CA ILE A 325 -4.88 8.60 8.26
C ILE A 325 -4.14 7.51 7.51
N ASP A 326 -2.81 7.55 7.58
CA ASP A 326 -1.96 6.45 7.11
C ASP A 326 -1.46 5.68 8.33
N VAL A 327 -1.65 4.37 8.32
CA VAL A 327 -1.10 3.50 9.34
C VAL A 327 0.16 2.88 8.76
N ILE A 328 1.32 3.28 9.29
CA ILE A 328 2.61 2.79 8.83
C ILE A 328 3.17 1.85 9.88
N VAL A 329 3.54 0.64 9.48
CA VAL A 329 4.07 -0.37 10.39
C VAL A 329 5.54 -0.57 10.05
N HIS A 330 6.39 -0.45 11.07
CA HIS A 330 7.82 -0.56 10.92
C HIS A 330 8.34 -1.63 11.88
N GLY A 331 9.33 -2.39 11.41
CA GLY A 331 9.84 -3.48 12.20
C GLY A 331 11.34 -3.55 12.31
N GLN A 332 11.84 -4.01 13.46
CA GLN A 332 13.26 -4.22 13.68
C GLN A 332 13.41 -5.28 14.75
N ALA A 333 13.66 -6.52 14.34
CA ALA A 333 13.82 -7.63 15.24
C ALA A 333 15.29 -7.90 15.49
N GLY A 334 15.56 -8.68 16.52
CA GLY A 334 16.92 -9.07 16.85
C GLY A 334 16.92 -10.36 17.63
N LYS A 335 17.87 -11.22 17.30
CA LYS A 335 18.03 -12.49 17.98
C LYS A 335 19.50 -12.86 18.03
N PHE A 336 19.90 -13.49 19.12
CA PHE A 336 21.29 -13.87 19.29
C PHE A 336 21.73 -14.81 18.18
N SER A 337 22.86 -14.49 17.55
CA SER A 337 23.44 -15.31 16.50
C SER A 337 24.91 -15.54 16.81
N LEU A 338 25.38 -16.76 16.55
CA LEU A 338 26.73 -17.12 16.95
C LEU A 338 27.79 -16.49 16.05
N ILE A 339 27.49 -16.29 14.78
CA ILE A 339 28.45 -15.74 13.82
C ILE A 339 28.86 -14.33 14.23
N PRO A 340 27.93 -13.40 14.49
CA PRO A 340 28.36 -12.08 14.98
C PRO A 340 29.13 -12.14 16.29
N THR A 341 28.72 -13.02 17.19
CA THR A 341 29.41 -13.12 18.48
C THR A 341 30.86 -13.52 18.29
N ILE A 342 31.11 -14.55 17.47
CA ILE A 342 32.48 -14.99 17.26
C ILE A 342 33.28 -13.96 16.48
N ILE A 343 32.67 -13.27 15.51
CA ILE A 343 33.38 -12.21 14.79
C ILE A 343 33.84 -11.13 15.75
N ASN A 344 32.95 -10.70 16.65
CA ASN A 344 33.31 -9.65 17.59
C ASN A 344 34.30 -10.12 18.65
N LEU A 345 34.21 -11.39 19.07
CA LEU A 345 35.22 -11.91 19.99
C LEU A 345 36.60 -11.95 19.35
N ALA A 346 36.68 -12.38 18.10
CA ALA A 346 37.96 -12.35 17.39
C ALA A 346 38.48 -10.93 17.26
N THR A 347 37.59 -9.99 16.96
CA THR A 347 38.00 -8.59 16.90
C THR A 347 38.52 -8.09 18.25
N ALA A 348 37.88 -8.49 19.35
CA ALA A 348 38.35 -8.08 20.67
C ALA A 348 39.73 -8.63 20.96
N LEU A 349 39.97 -9.90 20.62
CA LEU A 349 41.29 -10.48 20.86
C LEU A 349 42.35 -9.76 20.03
N THR A 350 42.05 -9.48 18.75
CA THR A 350 42.99 -8.76 17.90
C THR A 350 43.26 -7.37 18.44
N SER A 351 42.23 -6.70 18.96
CA SER A 351 42.40 -5.36 19.52
C SER A 351 43.27 -5.38 20.77
N VAL A 352 43.09 -6.38 21.63
CA VAL A 352 43.96 -6.51 22.80
C VAL A 352 45.41 -6.75 22.36
N GLY A 353 45.60 -7.55 21.31
CA GLY A 353 46.93 -7.72 20.77
C GLY A 353 47.52 -6.42 20.24
N VAL A 354 46.70 -5.60 19.59
CA VAL A 354 47.19 -4.32 19.08
C VAL A 354 47.57 -3.40 20.23
N GLY A 355 46.81 -3.44 21.33
CA GLY A 355 47.22 -2.71 22.52
C GLY A 355 48.54 -3.20 23.09
N SER A 356 48.74 -4.53 23.08
CA SER A 356 50.03 -5.10 23.44
C SER A 356 51.15 -4.51 22.60
N PHE A 357 50.95 -4.48 21.29
CA PHE A 357 51.99 -3.96 20.39
C PHE A 357 52.25 -2.50 20.66
N LEU A 358 51.19 -1.71 20.89
CA LEU A 358 51.38 -0.28 21.16
C LEU A 358 52.15 -0.05 22.45
N CYS A 359 51.83 -0.81 23.51
CA CYS A 359 52.57 -0.66 24.76
C CYS A 359 54.03 -1.02 24.58
N ASP A 360 54.31 -2.13 23.89
CA ASP A 360 55.70 -2.52 23.68
C ASP A 360 56.44 -1.50 22.84
N TRP A 361 55.77 -0.92 21.83
CA TRP A 361 56.41 0.08 20.97
C TRP A 361 56.73 1.34 21.75
N ILE A 362 55.82 1.75 22.64
CA ILE A 362 56.10 2.92 23.49
C ILE A 362 57.26 2.63 24.42
N LEU A 363 57.31 1.42 25.00
CA LEU A 363 58.41 1.09 25.91
C LEU A 363 59.74 1.06 25.18
N LEU A 364 59.77 0.51 23.96
CA LEU A 364 61.02 0.48 23.19
C LEU A 364 61.48 1.88 22.81
N THR A 365 60.54 2.77 22.48
CA THR A 365 60.87 4.13 22.14
C THR A 365 60.31 5.11 23.15
N ARG B 39 53.94 -35.63 21.16
CA ARG B 39 53.42 -36.94 20.77
C ARG B 39 51.90 -36.91 20.68
N ARG B 40 51.23 -37.58 21.62
CA ARG B 40 49.77 -37.56 21.65
C ARG B 40 49.25 -36.15 21.87
N LEU B 41 50.02 -35.34 22.58
CA LEU B 41 49.66 -33.93 22.73
C LEU B 41 49.54 -33.26 21.37
N GLY B 42 50.42 -33.60 20.42
CA GLY B 42 50.28 -33.08 19.07
C GLY B 42 48.99 -33.51 18.40
N VAL B 43 48.61 -34.77 18.59
CA VAL B 43 47.37 -35.27 17.99
C VAL B 43 46.18 -34.50 18.52
N LEU B 44 46.09 -34.34 19.84
CA LEU B 44 44.99 -33.56 20.41
C LEU B 44 45.04 -32.11 19.95
N TYR B 45 46.25 -31.54 19.92
CA TYR B 45 46.43 -30.15 19.54
C TYR B 45 45.93 -29.89 18.13
N ARG B 46 46.19 -30.80 17.20
CA ARG B 46 45.74 -30.58 15.83
C ARG B 46 44.28 -31.00 15.66
N ALA B 47 43.80 -31.92 16.50
CA ALA B 47 42.39 -32.26 16.47
C ALA B 47 41.52 -31.06 16.84
N VAL B 48 41.97 -30.26 17.81
CA VAL B 48 41.21 -29.06 18.16
C VAL B 48 41.14 -28.10 16.98
N GLN B 49 42.26 -27.90 16.27
CA GLN B 49 42.26 -27.03 15.10
C GLN B 49 41.30 -27.54 14.04
N LEU B 50 41.32 -28.84 13.76
CA LEU B 50 40.40 -29.38 12.75
C LEU B 50 38.95 -29.23 13.18
N LEU B 51 38.65 -29.41 14.47
CA LEU B 51 37.28 -29.21 14.92
C LEU B 51 36.82 -27.78 14.71
N ILE B 52 37.66 -26.81 15.05
CA ILE B 52 37.28 -25.41 14.87
C ILE B 52 37.09 -25.09 13.39
N LEU B 53 38.02 -25.54 12.55
CA LEU B 53 37.90 -25.29 11.12
C LEU B 53 36.65 -25.94 10.54
N LEU B 54 36.35 -27.16 10.95
CA LEU B 54 35.10 -27.82 10.48
C LEU B 54 33.93 -26.92 10.87
N TYR B 55 33.83 -26.58 12.15
CA TYR B 55 32.69 -25.79 12.57
C TYR B 55 32.52 -24.57 11.68
N PHE B 56 33.60 -23.84 11.43
CA PHE B 56 33.45 -22.67 10.57
C PHE B 56 33.01 -23.05 9.17
N VAL B 57 33.74 -23.98 8.51
CA VAL B 57 33.47 -24.32 7.12
C VAL B 57 32.04 -24.82 6.95
N TRP B 58 31.53 -25.57 7.93
CA TRP B 58 30.16 -26.05 7.79
C TRP B 58 29.16 -24.96 8.16
N TYR B 59 29.12 -24.59 9.44
CA TYR B 59 28.01 -23.78 9.93
C TYR B 59 28.08 -22.36 9.40
N VAL B 60 29.26 -21.73 9.46
CA VAL B 60 29.33 -20.32 9.11
C VAL B 60 29.15 -20.13 7.61
N PHE B 61 29.74 -21.01 6.81
CA PHE B 61 29.80 -20.81 5.37
C PHE B 61 28.74 -21.61 4.60
N ILE B 62 28.74 -22.93 4.73
CA ILE B 62 27.85 -23.73 3.90
C ILE B 62 26.41 -23.54 4.33
N VAL B 63 26.15 -23.58 5.64
CA VAL B 63 24.78 -23.56 6.14
C VAL B 63 24.23 -22.14 6.13
N GLN B 64 24.92 -21.21 6.77
CA GLN B 64 24.40 -19.85 6.95
C GLN B 64 24.79 -18.90 5.82
N LYS B 65 25.69 -19.31 4.94
CA LYS B 65 26.14 -18.47 3.82
C LYS B 65 26.67 -17.12 4.31
N SER B 66 27.61 -17.17 5.24
CA SER B 66 28.24 -15.94 5.69
C SER B 66 29.18 -15.36 4.64
N TYR B 67 29.44 -16.09 3.56
CA TYR B 67 30.17 -15.55 2.42
C TYR B 67 29.30 -14.66 1.56
N GLN B 68 28.05 -14.42 1.95
CA GLN B 68 27.07 -13.74 1.13
C GLN B 68 26.66 -12.42 1.77
N GLU B 69 26.35 -11.45 0.92
CA GLU B 69 25.70 -10.22 1.34
C GLU B 69 24.23 -10.29 0.95
N SER B 70 23.39 -9.72 1.79
CA SER B 70 21.95 -9.89 1.66
C SER B 70 21.27 -8.56 1.39
N GLU B 71 20.20 -8.62 0.61
CA GLU B 71 19.30 -7.48 0.40
C GLU B 71 17.87 -7.95 0.59
N THR B 72 17.08 -7.13 1.28
CA THR B 72 15.66 -7.37 1.47
C THR B 72 14.88 -6.18 0.95
N GLY B 73 13.57 -6.36 0.81
CA GLY B 73 12.69 -5.29 0.41
C GLY B 73 12.86 -4.87 -1.03
N PRO B 74 12.49 -5.74 -1.98
CA PRO B 74 12.54 -5.35 -3.39
C PRO B 74 11.42 -4.37 -3.75
N GLU B 75 11.30 -4.02 -5.02
CA GLU B 75 10.23 -3.16 -5.50
C GLU B 75 9.21 -4.02 -6.24
N SER B 76 7.98 -4.02 -5.74
CA SER B 76 6.94 -4.93 -6.21
C SER B 76 5.82 -4.18 -6.90
N SER B 77 5.19 -4.88 -7.84
CA SER B 77 4.02 -4.36 -8.55
C SER B 77 2.99 -5.47 -8.64
N ILE B 78 1.79 -5.23 -8.11
CA ILE B 78 0.75 -6.25 -8.02
C ILE B 78 -0.44 -5.79 -8.84
N ILE B 79 -0.89 -6.64 -9.76
CA ILE B 79 -2.07 -6.39 -10.60
C ILE B 79 -2.99 -7.57 -10.40
N THR B 80 -4.14 -7.35 -9.78
CA THR B 80 -5.10 -8.42 -9.54
C THR B 80 -6.31 -8.26 -10.45
N LYS B 81 -6.98 -9.38 -10.69
CA LYS B 81 -8.16 -9.37 -11.55
C LYS B 81 -9.04 -10.54 -11.14
N VAL B 82 -10.12 -10.24 -10.44
CA VAL B 82 -11.09 -11.27 -10.05
C VAL B 82 -12.10 -11.43 -11.17
N LYS B 83 -12.47 -12.67 -11.46
CA LYS B 83 -13.38 -12.95 -12.56
C LYS B 83 -14.25 -14.14 -12.19
N GLY B 84 -15.56 -13.92 -12.20
CA GLY B 84 -16.53 -14.90 -11.78
C GLY B 84 -17.89 -14.24 -11.56
N ILE B 85 -18.97 -15.02 -11.67
CA ILE B 85 -20.32 -14.51 -11.57
C ILE B 85 -21.10 -15.40 -10.62
N THR B 86 -21.96 -14.80 -9.79
CA THR B 86 -22.75 -15.55 -8.82
C THR B 86 -24.22 -15.14 -8.91
N THR B 87 -25.05 -15.82 -8.13
CA THR B 87 -26.49 -15.64 -8.19
C THR B 87 -27.08 -15.55 -6.79
N SER B 88 -28.27 -14.95 -6.74
CA SER B 88 -29.09 -14.87 -5.53
C SER B 88 -30.48 -15.40 -5.88
N GLU B 89 -31.45 -15.17 -4.99
CA GLU B 89 -32.80 -15.67 -5.21
C GLU B 89 -33.32 -15.31 -6.60
N HIS B 90 -33.18 -14.05 -7.00
CA HIS B 90 -33.54 -13.68 -8.36
C HIS B 90 -32.58 -12.65 -8.97
N LYS B 91 -31.37 -12.55 -8.43
CA LYS B 91 -30.42 -11.55 -8.88
C LYS B 91 -29.12 -12.22 -9.32
N VAL B 92 -28.46 -11.63 -10.31
CA VAL B 92 -27.16 -12.09 -10.79
C VAL B 92 -26.13 -11.02 -10.47
N TRP B 93 -25.08 -11.41 -9.76
CA TRP B 93 -24.03 -10.49 -9.33
C TRP B 93 -22.79 -10.71 -10.16
N ASP B 94 -22.26 -9.62 -10.73
CA ASP B 94 -21.02 -9.68 -11.50
C ASP B 94 -19.89 -9.05 -10.69
N VAL B 95 -18.69 -9.05 -11.29
CA VAL B 95 -17.49 -8.66 -10.57
C VAL B 95 -17.57 -7.23 -10.09
N GLU B 96 -18.18 -6.34 -10.89
CA GLU B 96 -18.32 -4.94 -10.50
C GLU B 96 -19.06 -4.79 -9.18
N GLU B 97 -19.92 -5.75 -8.84
CA GLU B 97 -20.82 -5.60 -7.72
C GLU B 97 -20.22 -6.08 -6.41
N TYR B 98 -19.39 -7.13 -6.46
CA TYR B 98 -18.87 -7.74 -5.25
C TYR B 98 -17.39 -7.52 -5.02
N VAL B 99 -16.69 -6.84 -5.93
CA VAL B 99 -15.27 -6.54 -5.77
C VAL B 99 -15.12 -5.06 -5.52
N LYS B 100 -14.57 -4.71 -4.35
CA LYS B 100 -14.30 -3.34 -3.97
C LYS B 100 -12.90 -3.26 -3.42
N PRO B 101 -12.04 -2.35 -3.93
CA PRO B 101 -12.27 -1.42 -5.04
C PRO B 101 -12.17 -2.08 -6.41
N PRO B 102 -12.81 -1.49 -7.43
CA PRO B 102 -12.75 -2.10 -8.77
C PRO B 102 -11.35 -2.23 -9.35
N GLU B 103 -10.46 -1.29 -9.05
CA GLU B 103 -9.12 -1.33 -9.61
C GLU B 103 -8.34 -2.51 -9.03
N GLY B 104 -7.53 -3.13 -9.88
CA GLY B 104 -6.87 -4.36 -9.50
C GLY B 104 -5.54 -4.17 -8.82
N GLY B 105 -5.54 -4.12 -7.50
CA GLY B 105 -4.33 -3.88 -6.75
C GLY B 105 -4.10 -4.88 -5.65
N SER B 106 -3.22 -4.55 -4.71
CA SER B 106 -2.83 -5.48 -3.66
C SER B 106 -3.97 -5.84 -2.72
N VAL B 107 -4.83 -4.89 -2.38
CA VAL B 107 -5.89 -5.10 -1.40
C VAL B 107 -7.23 -4.94 -2.09
N PHE B 108 -8.07 -5.96 -1.99
CA PHE B 108 -9.44 -5.89 -2.51
C PHE B 108 -10.31 -6.83 -1.71
N SER B 109 -11.61 -6.56 -1.73
CA SER B 109 -12.59 -7.31 -0.95
C SER B 109 -13.59 -7.96 -1.89
N ILE B 110 -13.84 -9.24 -1.69
CA ILE B 110 -14.86 -9.98 -2.42
C ILE B 110 -16.05 -10.14 -1.49
N ILE B 111 -17.14 -9.45 -1.81
CA ILE B 111 -18.32 -9.44 -0.95
C ILE B 111 -19.05 -10.76 -1.09
N THR B 112 -19.30 -11.41 0.04
CA THR B 112 -20.01 -12.68 0.07
C THR B 112 -21.41 -12.57 0.66
N ARG B 113 -21.73 -11.47 1.33
CA ARG B 113 -23.05 -11.27 1.90
C ARG B 113 -23.27 -9.78 2.11
N VAL B 114 -24.50 -9.32 1.87
CA VAL B 114 -24.86 -7.92 2.03
C VAL B 114 -26.08 -7.81 2.91
N GLU B 115 -26.18 -6.67 3.60
CA GLU B 115 -27.38 -6.27 4.32
C GLU B 115 -27.76 -4.89 3.79
N ALA B 116 -28.64 -4.85 2.81
CA ALA B 116 -28.97 -3.62 2.10
C ALA B 116 -30.22 -2.99 2.70
N THR B 117 -30.14 -1.70 3.01
CA THR B 117 -31.26 -0.91 3.50
C THR B 117 -31.66 0.04 2.38
N HIS B 118 -32.75 -0.28 1.68
CA HIS B 118 -33.15 0.47 0.51
C HIS B 118 -33.96 1.71 0.91
N SER B 119 -34.01 2.68 -0.01
CA SER B 119 -34.86 3.86 0.11
C SER B 119 -34.58 4.63 1.41
N GLN B 120 -33.30 4.79 1.73
CA GLN B 120 -32.92 5.59 2.89
C GLN B 120 -32.92 7.06 2.52
N THR B 121 -33.66 7.85 3.28
CA THR B 121 -33.73 9.30 3.08
C THR B 121 -33.46 10.00 4.40
N GLN B 122 -33.09 11.28 4.31
CA GLN B 122 -32.83 12.08 5.49
C GLN B 122 -34.16 12.46 6.12
N GLY B 123 -34.48 11.85 7.26
CA GLY B 123 -35.74 12.10 7.90
C GLY B 123 -35.72 11.61 9.33
N THR B 124 -36.92 11.48 9.90
CA THR B 124 -37.08 11.09 11.28
C THR B 124 -37.65 9.68 11.37
N CYS B 125 -37.06 8.86 12.23
CA CYS B 125 -37.40 7.46 12.34
C CYS B 125 -36.96 6.96 13.70
N PRO B 126 -37.48 5.81 14.15
CA PRO B 126 -37.05 5.27 15.44
C PRO B 126 -35.57 4.89 15.44
N GLU B 127 -34.94 5.03 16.59
CA GLU B 127 -33.56 4.61 16.76
C GLU B 127 -33.47 3.09 16.82
N SER B 128 -32.30 2.58 16.48
CA SER B 128 -32.04 1.15 16.57
C SER B 128 -32.13 0.69 18.02
N ILE B 129 -32.67 -0.53 18.23
CA ILE B 129 -32.88 -1.02 19.63
C ILE B 129 -31.51 -1.37 20.24
N ARG B 130 -30.46 -1.36 19.42
CA ARG B 130 -29.11 -1.76 19.90
C ARG B 130 -28.32 -0.54 20.39
N VAL B 131 -28.89 0.66 20.23
CA VAL B 131 -28.16 1.90 20.62
C VAL B 131 -28.36 2.13 22.12
N HIS B 132 -27.30 2.53 22.83
CA HIS B 132 -27.39 2.74 24.27
C HIS B 132 -28.59 3.60 24.62
N ASN B 133 -29.32 3.20 25.66
CA ASN B 133 -30.52 3.80 26.21
C ASN B 133 -31.40 4.43 25.13
N ALA B 134 -31.64 3.69 24.05
CA ALA B 134 -32.57 4.12 23.02
C ALA B 134 -34.01 3.79 23.36
N THR B 135 -34.24 2.78 24.18
CA THR B 135 -35.60 2.40 24.55
C THR B 135 -36.23 3.45 25.45
N CYS B 136 -37.45 3.83 25.12
CA CYS B 136 -38.18 4.84 25.88
C CYS B 136 -39.58 4.37 26.15
N LEU B 137 -40.13 4.86 27.26
CA LEU B 137 -41.53 4.65 27.63
C LEU B 137 -42.38 5.88 27.42
N SER B 138 -41.79 7.06 27.39
CA SER B 138 -42.51 8.30 27.14
C SER B 138 -41.51 9.31 26.60
N ASP B 139 -42.04 10.49 26.24
CA ASP B 139 -41.19 11.54 25.69
C ASP B 139 -40.16 12.04 26.68
N ALA B 140 -40.43 11.91 27.98
CA ALA B 140 -39.48 12.38 28.97
C ALA B 140 -38.19 11.57 28.99
N ASP B 141 -38.23 10.32 28.53
CA ASP B 141 -37.05 9.48 28.50
C ASP B 141 -36.10 9.82 27.35
N CYS B 142 -36.52 10.66 26.41
CA CYS B 142 -35.70 11.06 25.29
C CYS B 142 -35.29 12.52 25.47
N VAL B 143 -34.01 12.80 25.29
CA VAL B 143 -33.45 14.14 25.45
C VAL B 143 -33.30 14.75 24.07
N ALA B 144 -33.87 15.93 23.88
CA ALA B 144 -33.85 16.57 22.57
C ALA B 144 -32.46 17.07 22.22
N GLY B 145 -32.11 16.97 20.94
CA GLY B 145 -30.84 17.48 20.46
C GLY B 145 -29.63 16.67 20.87
N GLU B 146 -29.82 15.42 21.24
CA GLU B 146 -28.71 14.58 21.70
C GLU B 146 -28.19 13.73 20.54
N LEU B 147 -26.95 13.94 20.17
CA LEU B 147 -26.30 13.17 19.12
C LEU B 147 -25.30 12.21 19.76
N ASP B 148 -25.60 10.92 19.68
CA ASP B 148 -24.69 9.89 20.17
C ASP B 148 -23.75 9.50 19.04
N MET B 149 -22.45 9.42 19.28
CA MET B 149 -21.48 9.10 18.19
C MET B 149 -21.75 7.69 17.69
N LEU B 150 -22.26 6.81 18.55
CA LEU B 150 -22.56 5.41 18.16
C LEU B 150 -24.05 5.31 17.84
N GLY B 151 -24.76 6.44 17.83
CA GLY B 151 -26.20 6.44 17.46
C GLY B 151 -26.38 6.63 15.96
N ASN B 152 -27.63 6.64 15.48
CA ASN B 152 -27.88 6.73 14.02
C ASN B 152 -28.50 8.09 13.67
N GLY B 153 -28.37 9.09 14.55
CA GLY B 153 -28.89 10.39 14.22
C GLY B 153 -29.02 11.28 15.44
N LEU B 154 -29.59 12.46 15.21
CA LEU B 154 -29.84 13.44 16.24
C LEU B 154 -31.24 13.22 16.79
N ARG B 155 -31.35 13.10 18.11
CA ARG B 155 -32.61 12.71 18.72
C ARG B 155 -33.61 13.85 18.69
N THR B 156 -34.81 13.57 18.16
CA THR B 156 -35.83 14.60 18.05
C THR B 156 -36.38 14.98 19.41
N GLY B 157 -36.51 14.03 20.32
CA GLY B 157 -36.98 14.28 21.66
C GLY B 157 -38.32 13.70 22.01
N ARG B 158 -38.89 12.85 21.17
CA ARG B 158 -40.17 12.22 21.49
C ARG B 158 -40.12 10.73 21.16
N CYS B 159 -40.80 9.95 21.98
CA CYS B 159 -40.80 8.50 21.90
C CYS B 159 -41.68 8.05 20.74
N VAL B 160 -41.17 7.15 19.91
CA VAL B 160 -41.93 6.68 18.75
C VAL B 160 -41.98 5.15 18.75
N PRO B 161 -43.03 4.55 18.20
CA PRO B 161 -43.07 3.07 18.14
C PRO B 161 -41.98 2.51 17.24
N TYR B 162 -41.47 1.35 17.63
CA TYR B 162 -40.42 0.70 16.86
C TYR B 162 -40.97 0.15 15.56
N TYR B 163 -40.07 -0.29 14.69
CA TYR B 163 -40.47 -0.86 13.41
C TYR B 163 -41.32 -2.11 13.61
N GLN B 164 -40.92 -2.97 14.53
CA GLN B 164 -41.70 -4.12 14.95
C GLN B 164 -42.05 -3.96 16.42
N GLY B 165 -43.32 -4.17 16.77
CA GLY B 165 -43.78 -3.92 18.09
C GLY B 165 -43.23 -4.91 19.09
N PRO B 166 -43.53 -4.68 20.39
CA PRO B 166 -44.32 -3.55 20.87
C PRO B 166 -43.47 -2.44 21.51
N SER B 167 -42.16 -2.53 21.34
CA SER B 167 -41.25 -1.61 22.03
C SER B 167 -41.31 -0.22 21.40
N LYS B 168 -40.74 0.74 22.13
CA LYS B 168 -40.69 2.13 21.70
C LYS B 168 -39.27 2.65 21.87
N THR B 169 -38.76 3.33 20.84
CA THR B 169 -37.40 3.84 20.84
C THR B 169 -37.41 5.34 20.59
N CYS B 170 -36.33 6.00 21.05
CA CYS B 170 -36.22 7.44 20.88
C CYS B 170 -36.11 7.79 19.41
N GLU B 171 -36.92 8.75 18.97
CA GLU B 171 -36.89 9.19 17.58
C GLU B 171 -35.60 9.94 17.28
N VAL B 172 -35.06 9.71 16.09
CA VAL B 172 -33.83 10.36 15.67
C VAL B 172 -34.03 10.97 14.29
N PHE B 173 -33.23 12.00 14.00
CA PHE B 173 -33.14 12.56 12.66
C PHE B 173 -31.84 12.12 12.04
N GLY B 174 -31.93 11.42 10.91
CA GLY B 174 -30.76 10.96 10.20
C GLY B 174 -31.15 10.27 8.92
N TRP B 175 -30.36 9.30 8.49
CA TRP B 175 -30.71 8.49 7.34
C TRP B 175 -31.69 7.42 7.77
N CYS B 176 -32.89 7.46 7.22
CA CYS B 176 -33.99 6.64 7.70
C CYS B 176 -34.63 5.89 6.56
N PRO B 177 -35.08 4.65 6.78
CA PRO B 177 -35.04 3.91 8.05
C PRO B 177 -33.65 3.38 8.42
N VAL B 178 -33.43 3.14 9.71
CA VAL B 178 -32.13 2.69 10.17
C VAL B 178 -31.86 1.28 9.67
N GLU B 179 -30.57 0.91 9.62
CA GLU B 179 -30.19 -0.42 9.16
C GLU B 179 -30.74 -1.51 10.05
N ASP B 180 -30.70 -1.31 11.37
CA ASP B 180 -31.14 -2.35 12.29
C ASP B 180 -32.65 -2.55 12.29
N GLY B 181 -33.39 -1.87 11.43
CA GLY B 181 -34.83 -2.04 11.40
C GLY B 181 -35.39 -2.34 10.03
N ALA B 182 -34.64 -2.05 8.96
CA ALA B 182 -35.17 -2.24 7.62
C ALA B 182 -34.13 -2.81 6.65
N SER B 183 -33.23 -3.66 7.12
CA SER B 183 -32.21 -4.24 6.27
C SER B 183 -32.59 -5.65 5.86
N VAL B 184 -32.28 -6.00 4.62
CA VAL B 184 -32.56 -7.32 4.05
C VAL B 184 -31.23 -7.96 3.67
N SER B 185 -31.01 -9.17 4.14
CA SER B 185 -29.75 -9.88 3.91
C SER B 185 -29.84 -10.75 2.67
N GLN B 186 -28.81 -10.65 1.82
CA GLN B 186 -28.68 -11.49 0.65
C GLN B 186 -27.31 -12.16 0.67
N PHE B 187 -27.30 -13.47 0.48
CA PHE B 187 -26.06 -14.25 0.46
C PHE B 187 -25.58 -14.36 -0.98
N LEU B 188 -24.40 -13.81 -1.24
CA LEU B 188 -23.84 -13.79 -2.59
C LEU B 188 -22.96 -15.01 -2.83
N GLY B 189 -22.20 -15.41 -1.84
CA GLY B 189 -21.12 -16.36 -2.03
C GLY B 189 -21.52 -17.82 -2.06
N THR B 190 -22.57 -18.16 -2.81
CA THR B 190 -22.85 -19.56 -3.07
C THR B 190 -21.78 -20.16 -3.98
N MET B 191 -21.35 -19.40 -4.99
CA MET B 191 -20.31 -19.82 -5.92
C MET B 191 -19.10 -18.90 -5.90
N ALA B 192 -18.85 -18.24 -4.77
CA ALA B 192 -17.60 -17.54 -4.49
C ALA B 192 -16.37 -18.45 -4.55
N PRO B 193 -16.45 -19.70 -4.05
CA PRO B 193 -15.26 -20.56 -4.14
C PRO B 193 -14.74 -20.78 -5.55
N ASN B 194 -15.58 -20.66 -6.58
CA ASN B 194 -15.16 -20.83 -7.95
C ASN B 194 -14.69 -19.53 -8.60
N PHE B 195 -14.68 -18.42 -7.86
CA PHE B 195 -14.10 -17.19 -8.36
C PHE B 195 -12.60 -17.35 -8.51
N THR B 196 -12.04 -16.80 -9.57
CA THR B 196 -10.62 -16.90 -9.86
C THR B 196 -9.97 -15.53 -9.77
N ILE B 197 -8.86 -15.46 -9.04
CA ILE B 197 -8.08 -14.23 -8.89
C ILE B 197 -6.76 -14.42 -9.62
N LEU B 198 -6.40 -13.44 -10.45
CA LEU B 198 -5.16 -13.47 -11.22
C LEU B 198 -4.23 -12.40 -10.68
N ILE B 199 -3.24 -12.81 -9.89
CA ILE B 199 -2.23 -11.90 -9.35
C ILE B 199 -1.09 -11.79 -10.33
N LYS B 200 -0.72 -10.56 -10.67
CA LYS B 200 0.41 -10.29 -11.56
C LYS B 200 1.46 -9.53 -10.76
N ASN B 201 2.57 -10.20 -10.45
CA ASN B 201 3.62 -9.63 -9.62
C ASN B 201 4.91 -9.49 -10.41
N SER B 202 5.71 -8.51 -10.01
CA SER B 202 7.01 -8.25 -10.63
C SER B 202 7.88 -7.56 -9.59
N ILE B 203 9.06 -8.10 -9.34
CA ILE B 203 9.95 -7.58 -8.33
C ILE B 203 11.18 -6.96 -8.99
N HIS B 204 12.00 -6.30 -8.18
CA HIS B 204 13.30 -5.80 -8.62
C HIS B 204 14.17 -5.59 -7.39
N TYR B 205 15.41 -6.09 -7.46
CA TYR B 205 16.38 -5.91 -6.38
C TYR B 205 17.42 -4.89 -6.84
N PRO B 206 17.40 -3.66 -6.32
CA PRO B 206 18.28 -2.62 -6.88
C PRO B 206 19.77 -2.90 -6.71
N LYS B 207 20.21 -3.19 -5.49
CA LYS B 207 21.64 -3.36 -5.23
C LYS B 207 22.23 -4.51 -6.04
N PHE B 208 21.45 -5.57 -6.26
CA PHE B 208 21.93 -6.74 -6.98
C PHE B 208 21.48 -6.76 -8.43
N HIS B 209 20.72 -5.75 -8.87
CA HIS B 209 20.26 -5.64 -10.25
C HIS B 209 19.58 -6.92 -10.73
N PHE B 210 18.61 -7.38 -9.94
CA PHE B 210 17.82 -8.55 -10.24
C PHE B 210 16.36 -8.15 -10.40
N SER B 211 15.73 -8.59 -11.49
CA SER B 211 14.34 -8.28 -11.75
C SER B 211 13.63 -9.51 -12.31
N LYS B 212 12.46 -9.83 -11.76
CA LYS B 212 11.69 -10.99 -12.21
C LYS B 212 10.22 -10.78 -11.92
N GLY B 213 9.38 -11.53 -12.65
CA GLY B 213 7.95 -11.57 -12.43
C GLY B 213 7.46 -12.96 -12.11
N ASN B 214 6.13 -13.09 -12.04
CA ASN B 214 5.49 -14.36 -11.72
C ASN B 214 4.69 -14.95 -12.88
N ILE B 215 4.88 -14.45 -14.10
CA ILE B 215 4.30 -15.04 -15.29
C ILE B 215 5.39 -15.19 -16.33
N ALA B 216 5.45 -16.37 -16.95
CA ALA B 216 6.47 -16.67 -17.94
C ALA B 216 6.06 -16.09 -19.29
N ASP B 217 7.03 -15.50 -19.99
CA ASP B 217 6.80 -14.86 -21.27
C ASP B 217 6.50 -15.92 -22.32
N ARG B 218 5.22 -16.12 -22.59
CA ARG B 218 4.79 -17.19 -23.49
C ARG B 218 3.67 -16.67 -24.40
N THR B 219 3.44 -17.41 -25.48
CA THR B 219 2.39 -17.10 -26.43
C THR B 219 1.61 -18.34 -26.82
N ASP B 220 1.51 -19.31 -25.90
CA ASP B 220 0.89 -20.59 -26.18
C ASP B 220 -0.54 -20.69 -25.67
N GLY B 221 -1.16 -19.58 -25.30
CA GLY B 221 -2.48 -19.63 -24.71
C GLY B 221 -2.50 -20.30 -23.36
N TYR B 222 -1.54 -19.96 -22.50
CA TYR B 222 -1.36 -20.65 -21.23
C TYR B 222 -2.33 -20.16 -20.18
N LEU B 223 -2.40 -18.84 -19.97
CA LEU B 223 -3.21 -18.28 -18.90
C LEU B 223 -4.71 -18.47 -19.12
N LYS B 224 -5.13 -18.86 -20.32
CA LYS B 224 -6.55 -19.04 -20.58
C LYS B 224 -7.06 -20.43 -20.22
N ARG B 225 -6.16 -21.36 -19.89
CA ARG B 225 -6.58 -22.72 -19.55
C ARG B 225 -5.81 -23.35 -18.39
N CYS B 226 -4.92 -22.61 -17.73
CA CYS B 226 -4.06 -23.20 -16.72
C CYS B 226 -4.68 -23.07 -15.33
N THR B 227 -4.24 -23.96 -14.44
CA THR B 227 -4.62 -23.94 -13.03
C THR B 227 -3.34 -24.01 -12.20
N PHE B 228 -3.28 -23.21 -11.13
CA PHE B 228 -2.05 -23.07 -10.36
C PHE B 228 -1.71 -24.37 -9.64
N HIS B 229 -0.42 -24.72 -9.64
CA HIS B 229 0.12 -25.79 -8.84
C HIS B 229 1.52 -25.39 -8.41
N GLU B 230 1.82 -25.56 -7.11
CA GLU B 230 3.09 -25.03 -6.59
C GLU B 230 4.30 -25.69 -7.23
N ALA B 231 4.12 -26.85 -7.87
CA ALA B 231 5.20 -27.51 -8.58
C ALA B 231 4.98 -27.55 -10.09
N SER B 232 3.83 -28.04 -10.54
CA SER B 232 3.60 -28.20 -11.97
C SER B 232 3.44 -26.86 -12.66
N ASP B 233 2.60 -25.97 -12.12
CA ASP B 233 2.26 -24.69 -12.76
C ASP B 233 2.46 -23.57 -11.74
N LEU B 234 3.70 -23.11 -11.61
CA LEU B 234 4.00 -22.04 -10.66
C LEU B 234 3.93 -20.66 -11.30
N TYR B 235 3.98 -20.59 -12.63
CA TYR B 235 3.85 -19.34 -13.36
C TYR B 235 2.48 -19.23 -14.02
N CYS B 236 1.47 -19.77 -13.35
CA CYS B 236 0.06 -19.55 -13.67
C CYS B 236 -0.60 -19.11 -12.37
N PRO B 237 -0.46 -17.83 -12.00
CA PRO B 237 -0.99 -17.33 -10.73
C PRO B 237 -2.49 -17.00 -10.78
N ILE B 238 -3.28 -17.95 -11.28
CA ILE B 238 -4.73 -17.84 -11.28
C ILE B 238 -5.24 -18.78 -10.20
N PHE B 239 -5.71 -18.21 -9.09
CA PHE B 239 -6.14 -18.97 -7.92
C PHE B 239 -7.65 -18.87 -7.76
N LYS B 240 -8.29 -20.00 -7.52
CA LYS B 240 -9.66 -19.98 -7.06
C LYS B 240 -9.71 -19.51 -5.61
N LEU B 241 -10.79 -18.80 -5.28
CA LEU B 241 -10.95 -18.30 -3.92
C LEU B 241 -11.02 -19.44 -2.92
N GLY B 242 -11.72 -20.52 -3.28
CA GLY B 242 -11.79 -21.69 -2.43
C GLY B 242 -10.44 -22.34 -2.18
N PHE B 243 -9.58 -22.39 -3.19
CA PHE B 243 -8.23 -22.89 -3.00
C PHE B 243 -7.45 -22.03 -2.02
N ILE B 244 -7.54 -20.70 -2.16
CA ILE B 244 -6.86 -19.80 -1.24
C ILE B 244 -7.36 -20.02 0.18
N VAL B 245 -8.68 -20.17 0.35
CA VAL B 245 -9.24 -20.34 1.68
C VAL B 245 -8.82 -21.66 2.29
N GLU B 246 -8.87 -22.75 1.51
CA GLU B 246 -8.52 -24.06 2.07
C GLU B 246 -7.04 -24.15 2.38
N LYS B 247 -6.18 -23.54 1.55
CA LYS B 247 -4.76 -23.48 1.89
C LYS B 247 -4.50 -22.63 3.12
N ALA B 248 -5.38 -21.68 3.41
CA ALA B 248 -5.29 -20.89 4.62
C ALA B 248 -5.85 -21.60 5.84
N GLY B 249 -6.44 -22.79 5.65
CA GLY B 249 -7.01 -23.54 6.76
C GLY B 249 -8.38 -23.07 7.19
N GLU B 250 -9.06 -22.28 6.38
CA GLU B 250 -10.33 -21.68 6.76
C GLU B 250 -11.50 -22.43 6.14
N SER B 251 -12.67 -22.28 6.78
CA SER B 251 -13.92 -22.82 6.27
C SER B 251 -14.65 -21.72 5.52
N PHE B 252 -15.09 -22.01 4.29
CA PHE B 252 -15.61 -20.97 3.42
C PHE B 252 -16.94 -20.43 3.92
N THR B 253 -17.81 -21.29 4.48
CA THR B 253 -19.11 -20.81 4.93
C THR B 253 -18.98 -19.81 6.07
N GLU B 254 -18.15 -20.13 7.06
CA GLU B 254 -17.95 -19.22 8.19
C GLU B 254 -17.22 -17.96 7.78
N LEU B 255 -16.21 -18.06 6.91
CA LEU B 255 -15.48 -16.91 6.42
C LEU B 255 -16.28 -16.09 5.42
N ALA B 256 -17.41 -16.62 4.92
CA ALA B 256 -18.25 -15.93 3.95
C ALA B 256 -19.43 -15.25 4.61
N HIS B 257 -20.04 -15.88 5.61
CA HIS B 257 -21.16 -15.25 6.32
C HIS B 257 -20.67 -14.09 7.18
N LYS B 258 -19.61 -14.30 7.95
CA LYS B 258 -19.11 -13.27 8.85
C LYS B 258 -18.01 -12.42 8.23
N GLY B 259 -17.30 -12.93 7.23
CA GLY B 259 -16.22 -12.20 6.61
C GLY B 259 -14.88 -12.59 7.19
N GLY B 260 -13.83 -12.16 6.49
CA GLY B 260 -12.48 -12.45 6.94
C GLY B 260 -11.47 -11.79 6.04
N VAL B 261 -10.22 -11.87 6.45
CA VAL B 261 -9.09 -11.34 5.70
C VAL B 261 -8.09 -12.46 5.48
N ILE B 262 -7.79 -12.75 4.23
CA ILE B 262 -6.82 -13.77 3.84
C ILE B 262 -5.70 -13.11 3.07
N GLY B 263 -4.46 -13.42 3.44
CA GLY B 263 -3.29 -12.84 2.81
C GLY B 263 -2.60 -13.86 1.90
N VAL B 264 -2.35 -13.43 0.67
CA VAL B 264 -1.57 -14.21 -0.28
C VAL B 264 -0.14 -13.67 -0.24
N ILE B 265 0.76 -14.43 0.38
CA ILE B 265 2.12 -13.99 0.61
C ILE B 265 3.02 -14.60 -0.45
N ILE B 266 3.78 -13.74 -1.14
CA ILE B 266 4.77 -14.17 -2.12
C ILE B 266 6.14 -13.87 -1.54
N ASN B 267 6.93 -14.91 -1.31
CA ASN B 267 8.29 -14.79 -0.80
C ASN B 267 9.28 -15.13 -1.91
N TRP B 268 10.10 -14.15 -2.29
CA TRP B 268 11.17 -14.36 -3.24
C TRP B 268 12.51 -14.59 -2.55
N ASP B 269 12.60 -15.63 -1.70
CA ASP B 269 13.88 -15.97 -1.12
C ASP B 269 14.82 -16.42 -2.22
N CYS B 270 15.80 -15.58 -2.54
CA CYS B 270 16.54 -15.69 -3.78
C CYS B 270 18.03 -15.85 -3.47
N ASP B 271 18.66 -16.81 -4.13
CA ASP B 271 20.11 -16.95 -4.11
C ASP B 271 20.64 -16.56 -5.49
N LEU B 272 21.41 -15.49 -5.54
CA LEU B 272 21.81 -14.92 -6.83
C LEU B 272 23.07 -15.54 -7.40
N ASP B 273 23.76 -16.40 -6.65
CA ASP B 273 24.85 -17.16 -7.25
C ASP B 273 24.31 -18.17 -8.25
N LEU B 274 23.08 -18.63 -8.05
CA LEU B 274 22.41 -19.54 -8.97
C LEU B 274 21.80 -18.76 -10.13
N PRO B 275 21.54 -19.41 -11.25
CA PRO B 275 20.95 -18.72 -12.40
C PRO B 275 19.57 -18.17 -12.06
N ALA B 276 19.09 -17.30 -12.95
CA ALA B 276 17.80 -16.64 -12.73
C ALA B 276 16.64 -17.62 -12.77
N SER B 277 16.80 -18.79 -13.39
CA SER B 277 15.76 -19.81 -13.36
C SER B 277 15.65 -20.48 -11.99
N GLU B 278 16.57 -20.23 -11.08
CA GLU B 278 16.54 -20.78 -9.74
C GLU B 278 15.93 -19.82 -8.72
N CYS B 279 15.40 -18.68 -9.17
CA CYS B 279 14.69 -17.75 -8.30
C CYS B 279 13.21 -17.82 -8.63
N ASN B 280 12.41 -18.27 -7.67
CA ASN B 280 11.01 -18.59 -7.90
C ASN B 280 10.15 -17.96 -6.83
N PRO B 281 8.88 -17.71 -7.12
CA PRO B 281 7.97 -17.16 -6.10
C PRO B 281 7.36 -18.28 -5.26
N LYS B 282 7.27 -18.06 -3.96
CA LYS B 282 6.61 -19.07 -3.08
C LYS B 282 5.33 -18.46 -2.52
N TYR B 283 4.18 -19.03 -2.91
CA TYR B 283 2.88 -18.45 -2.49
C TYR B 283 2.40 -19.13 -1.23
N SER B 284 2.20 -18.36 -0.17
CA SER B 284 1.67 -18.89 1.10
C SER B 284 0.36 -18.15 1.39
N PHE B 285 -0.61 -18.85 1.98
CA PHE B 285 -1.89 -18.25 2.29
C PHE B 285 -2.15 -18.41 3.78
N ARG B 286 -2.53 -17.31 4.43
CA ARG B 286 -2.86 -17.36 5.85
C ARG B 286 -3.88 -16.27 6.16
N ARG B 287 -4.68 -16.51 7.18
CA ARG B 287 -5.68 -15.54 7.61
C ARG B 287 -5.00 -14.46 8.43
N LEU B 288 -5.31 -13.21 8.12
CA LEU B 288 -4.62 -12.08 8.73
C LEU B 288 -5.42 -11.38 9.83
N ASP B 289 -6.72 -11.64 9.91
CA ASP B 289 -7.51 -10.99 10.95
C ASP B 289 -7.44 -11.77 12.26
N PRO B 290 -7.79 -11.13 13.39
CA PRO B 290 -7.80 -11.86 14.66
C PRO B 290 -8.94 -12.87 14.73
N LYS B 291 -8.71 -14.04 14.12
CA LYS B 291 -9.75 -15.05 14.03
C LYS B 291 -10.15 -15.62 15.38
N HIS B 292 -9.35 -15.41 16.42
CA HIS B 292 -9.64 -15.95 17.74
C HIS B 292 -10.39 -14.97 18.64
N VAL B 293 -10.17 -13.67 18.48
CA VAL B 293 -10.87 -12.67 19.28
C VAL B 293 -12.31 -12.60 18.78
N PRO B 294 -13.31 -12.88 19.64
CA PRO B 294 -14.70 -12.81 19.18
C PRO B 294 -15.13 -11.43 18.71
N ALA B 295 -14.61 -10.37 19.32
CA ALA B 295 -15.05 -9.02 18.97
C ALA B 295 -14.50 -8.60 17.62
N SER B 296 -13.23 -8.86 17.37
CA SER B 296 -12.56 -8.34 16.18
C SER B 296 -12.49 -9.34 15.04
N SER B 297 -13.10 -10.52 15.17
CA SER B 297 -13.10 -11.50 14.09
C SER B 297 -14.16 -11.14 13.06
N GLY B 298 -13.76 -11.08 11.80
CA GLY B 298 -14.65 -10.74 10.71
C GLY B 298 -14.18 -9.51 9.95
N TYR B 299 -14.75 -9.34 8.77
CA TYR B 299 -14.47 -8.17 7.95
C TYR B 299 -15.77 -7.70 7.33
N ASN B 300 -16.05 -6.41 7.42
CA ASN B 300 -17.24 -5.82 6.82
C ASN B 300 -17.02 -4.33 6.64
N PHE B 301 -17.83 -3.74 5.77
CA PHE B 301 -17.80 -2.31 5.52
C PHE B 301 -19.12 -1.89 4.90
N ARG B 302 -19.38 -0.59 4.93
CA ARG B 302 -20.61 -0.01 4.39
C ARG B 302 -20.30 0.86 3.19
N PHE B 303 -21.11 0.73 2.15
CA PHE B 303 -21.14 1.67 1.04
C PHE B 303 -22.58 1.83 0.59
N ALA B 304 -22.87 2.96 -0.04
CA ALA B 304 -24.23 3.30 -0.41
C ALA B 304 -24.32 3.66 -1.89
N LYS B 305 -25.52 3.48 -2.43
CA LYS B 305 -25.84 3.84 -3.81
C LYS B 305 -26.80 5.01 -3.74
N TYR B 306 -26.44 6.13 -4.35
CA TYR B 306 -27.15 7.38 -4.17
C TYR B 306 -28.04 7.68 -5.37
N TYR B 307 -29.28 8.05 -5.10
CA TYR B 307 -30.25 8.37 -6.14
C TYR B 307 -31.01 9.63 -5.78
N LYS B 308 -31.51 10.31 -6.82
CA LYS B 308 -32.47 11.41 -6.67
C LYS B 308 -33.84 10.90 -7.06
N ILE B 309 -34.75 10.83 -6.10
CA ILE B 309 -36.13 10.42 -6.33
C ILE B 309 -37.02 11.63 -6.04
N ASN B 310 -37.65 12.15 -7.08
CA ASN B 310 -38.52 13.33 -6.98
C ASN B 310 -37.78 14.52 -6.36
N GLY B 311 -36.51 14.66 -6.70
CA GLY B 311 -35.70 15.76 -6.23
C GLY B 311 -35.11 15.57 -4.85
N THR B 312 -35.40 14.47 -4.17
CA THR B 312 -34.88 14.20 -2.84
C THR B 312 -33.84 13.09 -2.92
N THR B 313 -32.74 13.27 -2.18
CA THR B 313 -31.64 12.32 -2.22
C THR B 313 -31.99 11.09 -1.40
N THR B 314 -32.21 9.97 -2.08
CA THR B 314 -32.35 8.68 -1.44
C THR B 314 -31.08 7.87 -1.63
N ARG B 315 -30.93 6.81 -0.84
CA ARG B 315 -29.74 5.99 -0.93
C ARG B 315 -30.05 4.57 -0.50
N THR B 316 -29.19 3.65 -0.93
CA THR B 316 -29.27 2.23 -0.58
C THR B 316 -28.01 1.90 0.20
N LEU B 317 -28.10 1.89 1.53
CA LEU B 317 -26.96 1.56 2.36
C LEU B 317 -26.75 0.06 2.35
N ILE B 318 -25.56 -0.37 1.91
CA ILE B 318 -25.20 -1.77 1.83
C ILE B 318 -24.08 -2.03 2.82
N LYS B 319 -24.33 -2.95 3.76
CA LYS B 319 -23.30 -3.45 4.66
C LYS B 319 -22.79 -4.77 4.10
N ALA B 320 -21.53 -4.79 3.68
CA ALA B 320 -20.96 -5.89 2.93
C ALA B 320 -20.04 -6.72 3.81
N TYR B 321 -20.36 -8.00 3.98
CA TYR B 321 -19.48 -8.96 4.60
C TYR B 321 -18.78 -9.75 3.52
N GLY B 322 -17.44 -9.79 3.57
CA GLY B 322 -16.72 -10.48 2.53
C GLY B 322 -15.31 -10.82 2.97
N ILE B 323 -14.59 -11.43 2.03
CA ILE B 323 -13.22 -11.87 2.24
C ILE B 323 -12.31 -10.89 1.53
N ARG B 324 -11.45 -10.22 2.33
CA ARG B 324 -10.43 -9.30 1.77
C ARG B 324 -9.18 -10.09 1.41
N ILE B 325 -8.64 -9.91 0.20
CA ILE B 325 -7.40 -10.55 -0.20
C ILE B 325 -6.31 -9.49 -0.20
N ASP B 326 -5.30 -9.68 0.66
CA ASP B 326 -4.08 -8.89 0.61
C ASP B 326 -2.98 -9.73 -0.01
N VAL B 327 -2.32 -9.18 -1.03
CA VAL B 327 -1.17 -9.81 -1.63
C VAL B 327 0.07 -9.13 -1.05
N ILE B 328 0.80 -9.85 -0.22
CA ILE B 328 2.01 -9.35 0.44
C ILE B 328 3.21 -9.98 -0.23
N VAL B 329 4.15 -9.14 -0.66
CA VAL B 329 5.36 -9.61 -1.34
C VAL B 329 6.54 -9.35 -0.42
N HIS B 330 7.32 -10.39 -0.15
CA HIS B 330 8.45 -10.34 0.74
C HIS B 330 9.70 -10.81 0.01
N GLY B 331 10.83 -10.16 0.28
CA GLY B 331 12.05 -10.48 -0.42
C GLY B 331 13.26 -10.68 0.46
N GLN B 332 14.15 -11.58 0.05
CA GLN B 332 15.41 -11.80 0.75
C GLN B 332 16.39 -12.37 -0.27
N ALA B 333 17.25 -11.52 -0.80
CA ALA B 333 18.24 -11.92 -1.78
C ALA B 333 19.59 -12.15 -1.11
N GLY B 334 20.47 -12.80 -1.84
CA GLY B 334 21.82 -13.06 -1.36
C GLY B 334 22.78 -13.24 -2.51
N LYS B 335 23.96 -12.66 -2.36
CA LYS B 335 24.99 -12.79 -3.38
C LYS B 335 26.35 -12.81 -2.70
N PHE B 336 27.27 -13.59 -3.26
CA PHE B 336 28.60 -13.71 -2.70
C PHE B 336 29.28 -12.35 -2.66
N SER B 337 29.82 -11.99 -1.49
CA SER B 337 30.56 -10.75 -1.31
C SER B 337 31.88 -11.06 -0.63
N LEU B 338 32.93 -10.38 -1.07
CA LEU B 338 34.27 -10.69 -0.59
C LEU B 338 34.51 -10.22 0.83
N ILE B 339 33.91 -9.11 1.23
CA ILE B 339 34.10 -8.53 2.55
C ILE B 339 33.64 -9.51 3.64
N PRO B 340 32.42 -10.05 3.58
CA PRO B 340 32.03 -11.05 4.57
C PRO B 340 32.92 -12.28 4.56
N THR B 341 33.34 -12.73 3.39
CA THR B 341 34.18 -13.91 3.29
C THR B 341 35.50 -13.70 4.01
N ILE B 342 36.14 -12.56 3.77
CA ILE B 342 37.42 -12.30 4.43
C ILE B 342 37.25 -12.07 5.92
N ILE B 343 36.16 -11.41 6.34
CA ILE B 343 35.91 -11.24 7.77
C ILE B 343 35.80 -12.58 8.45
N ASN B 344 35.03 -13.50 7.86
CA ASN B 344 34.86 -14.82 8.47
C ASN B 344 36.12 -15.67 8.40
N LEU B 345 36.91 -15.53 7.35
CA LEU B 345 38.19 -16.25 7.30
C LEU B 345 39.13 -15.77 8.39
N ALA B 346 39.21 -14.45 8.59
CA ALA B 346 40.02 -13.92 9.67
C ALA B 346 39.53 -14.42 11.02
N THR B 347 38.20 -14.46 11.20
CA THR B 347 37.65 -14.99 12.44
C THR B 347 38.02 -16.46 12.63
N ALA B 348 37.99 -17.25 11.56
CA ALA B 348 38.37 -18.65 11.66
C ALA B 348 39.82 -18.81 12.07
N LEU B 349 40.71 -18.01 11.48
CA LEU B 349 42.12 -18.10 11.84
C LEU B 349 42.32 -17.71 13.31
N THR B 350 41.67 -16.63 13.76
CA THR B 350 41.78 -16.23 15.16
C THR B 350 41.24 -17.30 16.08
N SER B 351 40.14 -17.96 15.69
CA SER B 351 39.58 -19.03 16.52
C SER B 351 40.50 -20.23 16.62
N VAL B 352 41.15 -20.61 15.51
CA VAL B 352 42.13 -21.69 15.57
C VAL B 352 43.30 -21.30 16.48
N GLY B 353 43.72 -20.04 16.43
CA GLY B 353 44.74 -19.58 17.37
C GLY B 353 44.28 -19.66 18.83
N VAL B 354 43.02 -19.34 19.09
CA VAL B 354 42.50 -19.42 20.45
C VAL B 354 42.47 -20.88 20.91
N GLY B 355 42.14 -21.80 20.01
CA GLY B 355 42.24 -23.22 20.33
C GLY B 355 43.66 -23.63 20.64
N SER B 356 44.63 -23.12 19.87
CA SER B 356 46.04 -23.32 20.19
C SER B 356 46.36 -22.88 21.60
N PHE B 357 45.93 -21.68 21.97
CA PHE B 357 46.22 -21.15 23.29
C PHE B 357 45.58 -22.01 24.37
N LEU B 358 44.34 -22.45 24.14
CA LEU B 358 43.66 -23.29 25.13
C LEU B 358 44.38 -24.62 25.33
N CYS B 359 44.80 -25.26 24.23
CA CYS B 359 45.52 -26.51 24.35
C CYS B 359 46.84 -26.32 25.11
N ASP B 360 47.58 -25.26 24.78
CA ASP B 360 48.84 -25.02 25.47
C ASP B 360 48.61 -24.73 26.95
N TRP B 361 47.55 -23.99 27.28
CA TRP B 361 47.25 -23.67 28.66
C TRP B 361 46.87 -24.91 29.45
N ILE B 362 46.11 -25.81 28.84
CA ILE B 362 45.78 -27.07 29.50
C ILE B 362 47.03 -27.91 29.72
N LEU B 363 47.93 -27.96 28.72
CA LEU B 363 49.16 -28.73 28.88
C LEU B 363 50.05 -28.16 29.98
N LEU B 364 50.16 -26.84 30.05
CA LEU B 364 50.97 -26.22 31.09
C LEU B 364 50.40 -26.48 32.47
N THR B 365 49.06 -26.46 32.59
CA THR B 365 48.41 -26.70 33.87
C THR B 365 47.59 -27.99 33.82
N ARG C 39 67.41 -9.33 2.71
CA ARG C 39 67.74 -8.41 1.62
C ARG C 39 66.54 -8.21 0.70
N ARG C 40 66.64 -8.75 -0.52
CA ARG C 40 65.52 -8.65 -1.46
C ARG C 40 64.30 -9.38 -0.91
N LEU C 41 64.53 -10.43 -0.12
CA LEU C 41 63.42 -11.09 0.57
C LEU C 41 62.64 -10.12 1.43
N GLY C 42 63.34 -9.18 2.09
CA GLY C 42 62.63 -8.16 2.85
C GLY C 42 61.79 -7.27 1.97
N VAL C 43 62.31 -6.90 0.79
CA VAL C 43 61.55 -6.05 -0.12
C VAL C 43 60.26 -6.75 -0.56
N LEU C 44 60.35 -8.01 -0.97
CA LEU C 44 59.16 -8.75 -1.35
C LEU C 44 58.22 -8.92 -0.16
N TYR C 45 58.78 -9.22 1.01
CA TYR C 45 58.00 -9.44 2.21
C TYR C 45 57.17 -8.22 2.56
N ARG C 46 57.74 -7.03 2.44
CA ARG C 46 56.99 -5.84 2.79
C ARG C 46 56.10 -5.39 1.64
N ALA C 47 56.45 -5.74 0.40
CA ALA C 47 55.58 -5.47 -0.73
C ALA C 47 54.26 -6.21 -0.60
N VAL C 48 54.31 -7.45 -0.12
CA VAL C 48 53.07 -8.20 0.10
C VAL C 48 52.18 -7.50 1.13
N GLN C 49 52.78 -7.03 2.23
CA GLN C 49 52.01 -6.31 3.24
C GLN C 49 51.36 -5.06 2.66
N LEU C 50 52.12 -4.28 1.89
CA LEU C 50 51.55 -3.08 1.30
C LEU C 50 50.44 -3.40 0.31
N LEU C 51 50.58 -4.47 -0.46
CA LEU C 51 49.50 -4.85 -1.36
C LEU C 51 48.23 -5.20 -0.61
N ILE C 52 48.34 -5.97 0.47
CA ILE C 52 47.15 -6.35 1.24
C ILE C 52 46.51 -5.11 1.86
N LEU C 53 47.33 -4.24 2.45
CA LEU C 53 46.80 -3.02 3.06
C LEU C 53 46.12 -2.13 2.03
N LEU C 54 46.74 -1.99 0.84
CA LEU C 54 46.08 -1.20 -0.22
C LEU C 54 44.72 -1.82 -0.50
N TYR C 55 44.70 -3.12 -0.79
CA TYR C 55 43.42 -3.71 -1.14
C TYR C 55 42.36 -3.38 -0.10
N PHE C 56 42.69 -3.54 1.18
CA PHE C 56 41.69 -3.21 2.19
C PHE C 56 41.30 -1.74 2.15
N VAL C 57 42.29 -0.84 2.22
CA VAL C 57 42.01 0.59 2.31
C VAL C 57 41.20 1.07 1.12
N TRP C 58 41.46 0.53 -0.08
CA TRP C 58 40.68 0.96 -1.22
C TRP C 58 39.33 0.26 -1.25
N TYR C 59 39.33 -1.05 -1.50
CA TYR C 59 38.09 -1.74 -1.82
C TYR C 59 37.15 -1.83 -0.62
N VAL C 60 37.67 -2.24 0.54
CA VAL C 60 36.80 -2.50 1.67
C VAL C 60 36.25 -1.19 2.23
N PHE C 61 37.08 -0.15 2.29
CA PHE C 61 36.71 1.08 2.98
C PHE C 61 36.24 2.18 2.03
N ILE C 62 37.07 2.60 1.08
CA ILE C 62 36.71 3.75 0.27
C ILE C 62 35.59 3.40 -0.69
N VAL C 63 35.68 2.24 -1.34
CA VAL C 63 34.72 1.89 -2.38
C VAL C 63 33.41 1.38 -1.76
N GLN C 64 33.51 0.36 -0.92
CA GLN C 64 32.31 -0.30 -0.39
C GLN C 64 31.80 0.30 0.90
N LYS C 65 32.56 1.21 1.52
CA LYS C 65 32.16 1.85 2.77
C LYS C 65 31.83 0.82 3.85
N SER C 66 32.77 -0.10 4.09
CA SER C 66 32.60 -1.05 5.18
C SER C 66 32.74 -0.40 6.54
N TYR C 67 33.17 0.86 6.60
CA TYR C 67 33.16 1.62 7.83
C TYR C 67 31.78 2.12 8.20
N GLN C 68 30.76 1.77 7.42
CA GLN C 68 29.43 2.32 7.55
C GLN C 68 28.43 1.24 7.96
N GLU C 69 27.43 1.65 8.73
CA GLU C 69 26.27 0.82 8.99
C GLU C 69 25.11 1.33 8.15
N SER C 70 24.28 0.40 7.68
CA SER C 70 23.26 0.71 6.70
C SER C 70 21.87 0.48 7.26
N GLU C 71 20.93 1.31 6.82
CA GLU C 71 19.52 1.10 7.08
C GLU C 71 18.74 1.24 5.79
N THR C 72 17.78 0.35 5.59
CA THR C 72 16.88 0.39 4.45
C THR C 72 15.44 0.44 4.95
N GLY C 73 14.54 0.74 4.03
CA GLY C 73 13.12 0.76 4.34
C GLY C 73 12.71 1.89 5.26
N PRO C 74 12.76 3.12 4.76
CA PRO C 74 12.27 4.26 5.56
C PRO C 74 10.75 4.28 5.65
N GLU C 75 10.19 5.31 6.27
CA GLU C 75 8.74 5.49 6.34
C GLU C 75 8.34 6.58 5.36
N SER C 76 7.49 6.24 4.40
CA SER C 76 7.18 7.11 3.28
C SER C 76 5.72 7.53 3.31
N SER C 77 5.47 8.73 2.78
CA SER C 77 4.12 9.26 2.63
C SER C 77 4.00 9.88 1.25
N ILE C 78 3.05 9.40 0.45
CA ILE C 78 2.89 9.81 -0.93
C ILE C 78 1.52 10.47 -1.10
N ILE C 79 1.52 11.69 -1.63
CA ILE C 79 0.30 12.45 -1.91
C ILE C 79 0.36 12.82 -3.38
N THR C 80 -0.53 12.26 -4.18
CA THR C 80 -0.55 12.54 -5.61
C THR C 80 -1.75 13.42 -5.95
N LYS C 81 -1.63 14.14 -7.06
CA LYS C 81 -2.72 15.01 -7.49
C LYS C 81 -2.59 15.19 -9.00
N VAL C 82 -3.46 14.51 -9.74
CA VAL C 82 -3.49 14.66 -11.19
C VAL C 82 -4.38 15.83 -11.56
N LYS C 83 -3.96 16.62 -12.54
CA LYS C 83 -4.71 17.81 -12.91
C LYS C 83 -4.57 18.02 -14.41
N GLY C 84 -5.71 18.06 -15.10
CA GLY C 84 -5.78 18.14 -16.54
C GLY C 84 -7.16 17.80 -17.04
N ILE C 85 -7.53 18.29 -18.21
CA ILE C 85 -8.86 18.10 -18.77
C ILE C 85 -8.72 17.66 -20.21
N THR C 86 -9.57 16.73 -20.65
CA THR C 86 -9.52 16.21 -22.01
C THR C 86 -10.91 16.25 -22.64
N THR C 87 -10.97 15.88 -23.92
CA THR C 87 -12.20 15.99 -24.69
C THR C 87 -12.42 14.73 -25.52
N SER C 88 -13.68 14.53 -25.89
CA SER C 88 -14.11 13.47 -26.80
C SER C 88 -14.91 14.10 -27.92
N GLU C 89 -15.63 13.28 -28.69
CA GLU C 89 -16.40 13.79 -29.82
C GLU C 89 -17.29 14.96 -29.42
N HIS C 90 -18.05 14.81 -28.33
CA HIS C 90 -18.82 15.93 -27.81
C HIS C 90 -18.84 15.99 -26.29
N LYS C 91 -17.87 15.36 -25.64
CA LYS C 91 -17.85 15.30 -24.18
C LYS C 91 -16.53 15.85 -23.65
N VAL C 92 -16.58 16.46 -22.48
CA VAL C 92 -15.40 16.98 -21.78
C VAL C 92 -15.21 16.18 -20.51
N TRP C 93 -14.03 15.59 -20.36
CA TRP C 93 -13.71 14.75 -19.22
C TRP C 93 -12.79 15.50 -18.27
N ASP C 94 -13.17 15.53 -16.99
CA ASP C 94 -12.35 16.14 -15.96
C ASP C 94 -11.69 15.07 -15.09
N VAL C 95 -10.90 15.52 -14.12
CA VAL C 95 -10.08 14.60 -13.33
C VAL C 95 -10.93 13.59 -12.59
N GLU C 96 -12.09 14.01 -12.09
CA GLU C 96 -12.97 13.11 -11.37
C GLU C 96 -13.38 11.91 -12.21
N GLU C 97 -13.37 12.06 -13.54
CA GLU C 97 -13.93 11.05 -14.41
C GLU C 97 -12.89 10.01 -14.82
N TYR C 98 -11.64 10.40 -14.99
CA TYR C 98 -10.63 9.49 -15.50
C TYR C 98 -9.59 9.08 -14.48
N VAL C 99 -9.65 9.58 -13.26
CA VAL C 99 -8.72 9.20 -12.20
C VAL C 99 -9.46 8.35 -11.19
N LYS C 100 -9.00 7.11 -11.01
CA LYS C 100 -9.58 6.18 -10.04
C LYS C 100 -8.44 5.54 -9.27
N PRO C 101 -8.45 5.56 -7.94
CA PRO C 101 -9.42 6.22 -7.06
C PRO C 101 -9.21 7.73 -6.96
N PRO C 102 -10.26 8.47 -6.59
CA PRO C 102 -10.11 9.93 -6.50
C PRO C 102 -9.09 10.39 -5.47
N GLU C 103 -8.92 9.67 -4.38
CA GLU C 103 -7.99 10.08 -3.35
C GLU C 103 -6.55 9.98 -3.85
N GLY C 104 -5.72 10.94 -3.45
CA GLY C 104 -4.39 11.02 -4.01
C GLY C 104 -3.35 10.22 -3.26
N GLY C 105 -3.11 8.99 -3.71
CA GLY C 105 -2.19 8.11 -3.03
C GLY C 105 -1.17 7.50 -3.96
N SER C 106 -0.52 6.43 -3.50
CA SER C 106 0.56 5.81 -4.26
C SER C 106 0.11 5.20 -5.57
N VAL C 107 -1.07 4.58 -5.61
CA VAL C 107 -1.55 3.85 -6.78
C VAL C 107 -2.82 4.53 -7.28
N PHE C 108 -2.81 4.92 -8.55
CA PHE C 108 -3.99 5.48 -9.19
C PHE C 108 -3.92 5.20 -10.67
N SER C 109 -5.09 5.22 -11.31
CA SER C 109 -5.22 4.88 -12.72
C SER C 109 -5.78 6.09 -13.47
N ILE C 110 -5.14 6.44 -14.58
CA ILE C 110 -5.62 7.49 -15.47
C ILE C 110 -6.25 6.81 -16.67
N ILE C 111 -7.56 6.91 -16.79
CA ILE C 111 -8.29 6.21 -17.84
C ILE C 111 -8.08 6.93 -19.16
N THR C 112 -7.64 6.18 -20.17
CA THR C 112 -7.39 6.73 -21.50
C THR C 112 -8.41 6.26 -22.53
N ARG C 113 -9.19 5.24 -22.23
CA ARG C 113 -10.21 4.75 -23.14
C ARG C 113 -11.25 3.97 -22.34
N VAL C 114 -12.52 4.11 -22.73
CA VAL C 114 -13.62 3.43 -22.06
C VAL C 114 -14.44 2.67 -23.09
N GLU C 115 -15.08 1.60 -22.62
CA GLU C 115 -16.10 0.88 -23.38
C GLU C 115 -17.33 0.83 -22.50
N ALA C 116 -18.23 1.79 -22.67
CA ALA C 116 -19.39 1.97 -21.80
C ALA C 116 -20.61 1.27 -22.38
N THR C 117 -21.27 0.46 -21.56
CA THR C 117 -22.51 -0.21 -21.92
C THR C 117 -23.63 0.45 -21.14
N HIS C 118 -24.40 1.31 -21.80
CA HIS C 118 -25.42 2.10 -21.13
C HIS C 118 -26.71 1.32 -20.95
N SER C 119 -27.51 1.76 -19.99
CA SER C 119 -28.86 1.25 -19.77
C SER C 119 -28.87 -0.26 -19.53
N GLN C 120 -27.92 -0.73 -18.72
CA GLN C 120 -27.88 -2.14 -18.35
C GLN C 120 -28.86 -2.40 -17.21
N THR C 121 -29.76 -3.34 -17.42
CA THR C 121 -30.74 -3.73 -16.42
C THR C 121 -30.69 -5.25 -16.24
N GLN C 122 -31.22 -5.70 -15.11
CA GLN C 122 -31.27 -7.13 -14.81
C GLN C 122 -32.39 -7.75 -15.63
N GLY C 123 -32.03 -8.51 -16.65
CA GLY C 123 -33.02 -9.09 -17.53
C GLY C 123 -32.42 -10.19 -18.35
N THR C 124 -33.14 -10.56 -19.40
CA THR C 124 -32.74 -11.66 -20.28
C THR C 124 -32.29 -11.12 -21.63
N CYS C 125 -31.17 -11.64 -22.11
CA CYS C 125 -30.54 -11.13 -23.34
C CYS C 125 -29.61 -12.21 -23.88
N PRO C 126 -29.23 -12.11 -25.15
CA PRO C 126 -28.31 -13.11 -25.70
C PRO C 126 -26.94 -13.07 -25.01
N GLU C 127 -26.31 -14.24 -24.93
CA GLU C 127 -24.97 -14.34 -24.39
C GLU C 127 -23.95 -13.79 -25.39
N SER C 128 -22.81 -13.36 -24.86
CA SER C 128 -21.73 -12.89 -25.71
C SER C 128 -21.22 -14.02 -26.60
N ILE C 129 -20.84 -13.69 -27.84
CA ILE C 129 -20.42 -14.74 -28.80
C ILE C 129 -19.05 -15.26 -28.38
N ARG C 130 -18.41 -14.61 -27.41
CA ARG C 130 -17.03 -15.00 -27.00
C ARG C 130 -17.08 -16.00 -25.83
N VAL C 131 -18.28 -16.29 -25.32
CA VAL C 131 -18.41 -17.21 -24.15
C VAL C 131 -18.40 -18.65 -24.67
N HIS C 132 -17.69 -19.54 -23.97
CA HIS C 132 -17.60 -20.93 -24.39
C HIS C 132 -18.97 -21.50 -24.70
N ASN C 133 -19.06 -22.23 -25.82
CA ASN C 133 -20.25 -22.87 -26.38
C ASN C 133 -21.52 -22.07 -26.12
N ALA C 134 -21.46 -20.77 -26.40
CA ALA C 134 -22.65 -19.92 -26.33
C ALA C 134 -23.48 -19.97 -27.60
N THR C 135 -22.87 -20.31 -28.73
CA THR C 135 -23.60 -20.37 -29.98
C THR C 135 -24.53 -21.57 -30.00
N CYS C 136 -25.78 -21.32 -30.41
CA CYS C 136 -26.79 -22.36 -30.44
C CYS C 136 -27.53 -22.30 -31.78
N LEU C 137 -28.02 -23.46 -32.19
CA LEU C 137 -28.88 -23.60 -33.35
C LEU C 137 -30.34 -23.84 -32.99
N SER C 138 -30.61 -24.34 -31.79
CA SER C 138 -31.97 -24.55 -31.33
C SER C 138 -31.94 -24.55 -29.81
N ASP C 139 -33.14 -24.64 -29.22
CA ASP C 139 -33.24 -24.63 -27.77
C ASP C 139 -32.56 -25.83 -27.12
N ALA C 140 -32.42 -26.94 -27.84
CA ALA C 140 -31.79 -28.12 -27.27
C ALA C 140 -30.31 -27.91 -27.00
N ASP C 141 -29.67 -26.98 -27.71
CA ASP C 141 -28.25 -26.71 -27.51
C ASP C 141 -27.97 -25.88 -26.27
N CYS C 142 -29.00 -25.32 -25.64
CA CYS C 142 -28.84 -24.53 -24.43
C CYS C 142 -29.39 -25.31 -23.24
N VAL C 143 -28.60 -25.38 -22.17
CA VAL C 143 -28.97 -26.10 -20.96
C VAL C 143 -29.51 -25.10 -19.94
N ALA C 144 -30.71 -25.35 -19.44
CA ALA C 144 -31.36 -24.43 -18.53
C ALA C 144 -30.66 -24.42 -17.17
N GLY C 145 -30.59 -23.24 -16.56
CA GLY C 145 -30.04 -23.11 -15.23
C GLY C 145 -28.54 -23.26 -15.14
N GLU C 146 -27.83 -23.08 -16.25
CA GLU C 146 -26.38 -23.25 -16.28
C GLU C 146 -25.71 -21.90 -16.11
N LEU C 147 -24.95 -21.74 -15.03
CA LEU C 147 -24.20 -20.52 -14.77
C LEU C 147 -22.72 -20.81 -15.01
N ASP C 148 -22.17 -20.19 -16.05
CA ASP C 148 -20.75 -20.29 -16.34
C ASP C 148 -20.02 -19.18 -15.60
N MET C 149 -18.92 -19.49 -14.91
CA MET C 149 -18.21 -18.45 -14.12
C MET C 149 -17.65 -17.38 -15.06
N LEU C 150 -17.33 -17.78 -16.30
CA LEU C 150 -16.78 -16.84 -17.31
C LEU C 150 -17.92 -16.37 -18.22
N GLY C 151 -19.16 -16.76 -17.90
CA GLY C 151 -20.33 -16.32 -18.68
C GLY C 151 -20.88 -15.01 -18.13
N ASN C 152 -21.94 -14.48 -18.75
CA ASN C 152 -22.49 -13.16 -18.33
C ASN C 152 -23.86 -13.34 -17.68
N GLY C 153 -24.19 -14.55 -17.24
CA GLY C 153 -25.46 -14.72 -16.56
C GLY C 153 -25.86 -16.18 -16.47
N LEU C 154 -27.06 -16.40 -15.96
CA LEU C 154 -27.66 -17.72 -15.82
C LEU C 154 -28.48 -18.02 -17.06
N ARG C 155 -28.22 -19.17 -17.68
CA ARG C 155 -28.82 -19.46 -18.98
C ARG C 155 -30.29 -19.81 -18.83
N THR C 156 -31.13 -19.12 -19.60
CA THR C 156 -32.57 -19.35 -19.51
C THR C 156 -32.95 -20.70 -20.09
N GLY C 157 -32.27 -21.13 -21.15
CA GLY C 157 -32.52 -22.41 -21.75
C GLY C 157 -33.12 -22.39 -23.14
N ARG C 158 -33.21 -21.23 -23.78
CA ARG C 158 -33.73 -21.15 -25.13
C ARG C 158 -32.84 -20.26 -26.00
N CYS C 159 -32.72 -20.65 -27.26
CA CYS C 159 -31.84 -20.00 -28.22
C CYS C 159 -32.48 -18.68 -28.68
N VAL C 160 -31.71 -17.60 -28.67
CA VAL C 160 -32.23 -16.30 -29.05
C VAL C 160 -31.33 -15.67 -30.12
N PRO C 161 -31.87 -14.84 -31.01
CA PRO C 161 -31.03 -14.19 -32.02
C PRO C 161 -30.02 -13.24 -31.37
N TYR C 162 -28.84 -13.16 -31.98
CA TYR C 162 -27.79 -12.29 -31.48
C TYR C 162 -28.14 -10.84 -31.74
N TYR C 163 -27.36 -9.94 -31.15
CA TYR C 163 -27.58 -8.51 -31.33
C TYR C 163 -27.42 -8.11 -32.80
N GLN C 164 -26.39 -8.65 -33.46
CA GLN C 164 -26.20 -8.50 -34.90
C GLN C 164 -26.27 -9.88 -35.52
N GLY C 165 -27.05 -10.00 -36.60
CA GLY C 165 -27.28 -11.27 -37.21
C GLY C 165 -26.04 -11.84 -37.89
N PRO C 166 -26.16 -13.08 -38.38
CA PRO C 166 -27.35 -13.91 -38.29
C PRO C 166 -27.26 -15.00 -37.23
N SER C 167 -26.23 -14.93 -36.38
CA SER C 167 -25.96 -15.99 -35.43
C SER C 167 -26.99 -15.99 -34.30
N LYS C 168 -27.00 -17.08 -33.54
CA LYS C 168 -27.90 -17.25 -32.41
C LYS C 168 -27.10 -17.73 -31.20
N THR C 169 -27.33 -17.11 -30.06
CA THR C 169 -26.60 -17.42 -28.83
C THR C 169 -27.58 -17.80 -27.72
N CYS C 170 -27.08 -18.57 -26.77
CA CYS C 170 -27.90 -19.01 -25.64
C CYS C 170 -28.33 -17.82 -24.80
N GLU C 171 -29.63 -17.74 -24.51
CA GLU C 171 -30.16 -16.66 -23.71
C GLU C 171 -29.69 -16.79 -22.26
N VAL C 172 -29.38 -15.66 -21.64
CA VAL C 172 -28.92 -15.63 -20.26
C VAL C 172 -29.72 -14.61 -19.48
N PHE C 173 -29.81 -14.82 -18.17
CA PHE C 173 -30.36 -13.84 -17.25
C PHE C 173 -29.21 -13.19 -16.50
N GLY C 174 -29.08 -11.88 -16.62
CA GLY C 174 -28.05 -11.14 -15.92
C GLY C 174 -28.19 -9.66 -16.20
N TRP C 175 -27.07 -8.95 -16.19
CA TRP C 175 -27.08 -7.54 -16.56
C TRP C 175 -27.08 -7.43 -18.07
N CYS C 176 -28.14 -6.84 -18.61
CA CYS C 176 -28.36 -6.86 -20.04
C CYS C 176 -28.64 -5.46 -20.56
N PRO C 177 -28.17 -5.13 -21.76
CA PRO C 177 -27.43 -6.00 -22.70
C PRO C 177 -25.98 -6.24 -22.30
N VAL C 178 -25.40 -7.33 -22.79
CA VAL C 178 -24.03 -7.67 -22.41
C VAL C 178 -23.07 -6.66 -23.03
N GLU C 179 -21.87 -6.58 -22.43
CA GLU C 179 -20.86 -5.65 -22.92
C GLU C 179 -20.42 -5.98 -24.34
N ASP C 180 -20.25 -7.27 -24.66
CA ASP C 180 -19.76 -7.65 -25.97
C ASP C 180 -20.79 -7.46 -27.08
N GLY C 181 -21.95 -6.88 -26.78
CA GLY C 181 -22.94 -6.67 -27.81
C GLY C 181 -23.47 -5.25 -27.88
N ALA C 182 -23.28 -4.45 -26.82
CA ALA C 182 -23.86 -3.11 -26.80
C ALA C 182 -22.91 -2.08 -26.18
N SER C 183 -21.60 -2.25 -26.35
CA SER C 183 -20.64 -1.32 -25.79
C SER C 183 -20.15 -0.34 -26.84
N VAL C 184 -19.94 0.91 -26.43
CA VAL C 184 -19.46 1.97 -27.31
C VAL C 184 -18.13 2.47 -26.75
N SER C 185 -17.12 2.51 -27.61
CA SER C 185 -15.77 2.90 -27.20
C SER C 185 -15.56 4.39 -27.41
N GLN C 186 -15.00 5.04 -26.37
CA GLN C 186 -14.63 6.44 -26.44
C GLN C 186 -13.17 6.57 -26.04
N PHE C 187 -12.39 7.28 -26.85
CA PHE C 187 -10.98 7.50 -26.57
C PHE C 187 -10.83 8.82 -25.82
N LEU C 188 -10.31 8.74 -24.60
CA LEU C 188 -10.17 9.91 -23.75
C LEU C 188 -8.80 10.56 -23.92
N GLY C 189 -7.76 9.75 -24.07
CA GLY C 189 -6.41 10.22 -23.96
C GLY C 189 -5.82 10.87 -25.19
N THR C 190 -6.58 11.77 -25.82
CA THR C 190 -5.98 12.60 -26.87
C THR C 190 -4.98 13.58 -26.26
N MET C 191 -5.31 14.16 -25.11
CA MET C 191 -4.45 15.08 -24.39
C MET C 191 -4.08 14.60 -23.00
N ALA C 192 -4.07 13.28 -22.79
CA ALA C 192 -3.50 12.65 -21.62
C ALA C 192 -2.01 12.97 -21.44
N PRO C 193 -1.20 13.02 -22.51
CA PRO C 193 0.23 13.36 -22.31
C PRO C 193 0.46 14.68 -21.61
N ASN C 194 -0.46 15.63 -21.70
CA ASN C 194 -0.31 16.92 -21.05
C ASN C 194 -0.88 16.94 -19.64
N PHE C 195 -1.40 15.83 -19.15
CA PHE C 195 -1.82 15.75 -17.76
C PHE C 195 -0.60 15.81 -16.86
N THR C 196 -0.73 16.52 -15.73
CA THR C 196 0.36 16.72 -14.80
C THR C 196 0.04 16.03 -13.48
N ILE C 197 0.98 15.23 -12.98
CA ILE C 197 0.85 14.55 -11.71
C ILE C 197 1.83 15.17 -10.72
N LEU C 198 1.35 15.50 -9.53
CA LEU C 198 2.16 16.12 -8.48
C LEU C 198 2.32 15.12 -7.34
N ILE C 199 3.48 14.49 -7.28
CA ILE C 199 3.80 13.54 -6.22
C ILE C 199 4.42 14.29 -5.05
N LYS C 200 3.87 14.08 -3.85
CA LYS C 200 4.38 14.69 -2.63
C LYS C 200 4.89 13.57 -1.73
N ASN C 201 6.21 13.47 -1.58
CA ASN C 201 6.83 12.39 -0.83
C ASN C 201 7.58 12.95 0.38
N SER C 202 7.66 12.13 1.41
CA SER C 202 8.37 12.48 2.65
C SER C 202 8.82 11.18 3.30
N ILE C 203 10.11 11.07 3.59
CA ILE C 203 10.67 9.86 4.16
C ILE C 203 11.09 10.13 5.61
N HIS C 204 11.48 9.05 6.29
CA HIS C 204 12.08 9.14 7.62
C HIS C 204 12.86 7.87 7.88
N TYR C 205 14.10 8.03 8.35
CA TYR C 205 14.95 6.89 8.72
C TYR C 205 15.03 6.82 10.24
N PRO C 206 14.36 5.85 10.87
CA PRO C 206 14.28 5.87 12.34
C PRO C 206 15.63 5.71 13.05
N LYS C 207 16.39 4.67 12.70
CA LYS C 207 17.64 4.39 13.41
C LYS C 207 18.63 5.54 13.29
N PHE C 208 18.64 6.23 12.15
CA PHE C 208 19.57 7.31 11.92
C PHE C 208 18.95 8.68 12.14
N HIS C 209 17.66 8.74 12.49
CA HIS C 209 16.96 10.00 12.77
C HIS C 209 17.14 10.99 11.64
N PHE C 210 16.83 10.55 10.42
CA PHE C 210 16.89 11.37 9.23
C PHE C 210 15.49 11.46 8.63
N SER C 211 15.06 12.68 8.31
CA SER C 211 13.75 12.91 7.72
C SER C 211 13.86 13.98 6.63
N LYS C 212 13.27 13.70 5.47
CA LYS C 212 13.30 14.64 4.36
C LYS C 212 12.11 14.41 3.44
N GLY C 213 11.79 15.44 2.65
CA GLY C 213 10.76 15.37 1.64
C GLY C 213 11.30 15.69 0.26
N ASN C 214 10.38 15.79 -0.69
CA ASN C 214 10.74 16.06 -2.09
C ASN C 214 10.25 17.42 -2.58
N ILE C 215 9.84 18.32 -1.68
CA ILE C 215 9.52 19.69 -2.04
C ILE C 215 10.23 20.60 -1.07
N ALA C 216 10.88 21.63 -1.60
CA ALA C 216 11.64 22.59 -0.81
C ALA C 216 10.70 23.60 -0.19
N ASP C 217 10.95 23.93 1.08
CA ASP C 217 10.10 24.85 1.83
C ASP C 217 10.32 26.26 1.29
N ARG C 218 9.41 26.71 0.43
CA ARG C 218 9.55 27.99 -0.25
C ARG C 218 8.21 28.70 -0.28
N THR C 219 8.26 30.01 -0.54
CA THR C 219 7.07 30.83 -0.67
C THR C 219 7.16 31.75 -1.87
N ASP C 220 7.86 31.31 -2.93
CA ASP C 220 8.12 32.13 -4.10
C ASP C 220 7.19 31.82 -5.26
N GLY C 221 6.11 31.10 -5.03
CA GLY C 221 5.25 30.68 -6.13
C GLY C 221 5.93 29.72 -7.07
N TYR C 222 6.63 28.72 -6.53
CA TYR C 222 7.45 27.82 -7.34
C TYR C 222 6.60 26.75 -8.01
N LEU C 223 5.80 26.03 -7.24
CA LEU C 223 5.04 24.90 -7.76
C LEU C 223 3.97 25.30 -8.76
N LYS C 224 3.64 26.58 -8.87
CA LYS C 224 2.62 27.01 -9.80
C LYS C 224 3.16 27.29 -11.20
N ARG C 225 4.48 27.29 -11.39
CA ARG C 225 5.05 27.55 -12.70
C ARG C 225 6.26 26.69 -13.03
N CYS C 226 6.62 25.72 -12.21
CA CYS C 226 7.85 24.96 -12.43
C CYS C 226 7.58 23.70 -13.23
N THR C 227 8.64 23.20 -13.87
CA THR C 227 8.63 21.94 -14.60
C THR C 227 9.80 21.10 -14.13
N PHE C 228 9.58 19.81 -13.93
CA PHE C 228 10.59 18.95 -13.32
C PHE C 228 11.79 18.78 -14.25
N HIS C 229 12.98 18.82 -13.65
CA HIS C 229 14.22 18.48 -14.33
C HIS C 229 15.12 17.80 -13.31
N GLU C 230 15.73 16.67 -13.69
CA GLU C 230 16.47 15.88 -12.72
C GLU C 230 17.68 16.63 -12.16
N ALA C 231 18.13 17.68 -12.83
CA ALA C 231 19.22 18.52 -12.35
C ALA C 231 18.76 19.92 -11.97
N SER C 232 18.09 20.63 -12.88
CA SER C 232 17.72 22.01 -12.61
C SER C 232 16.63 22.12 -11.56
N ASP C 233 15.56 21.33 -11.69
CA ASP C 233 14.39 21.42 -10.81
C ASP C 233 14.07 20.04 -10.28
N LEU C 234 14.75 19.62 -9.22
CA LEU C 234 14.51 18.31 -8.64
C LEU C 234 13.49 18.35 -7.52
N TYR C 235 13.22 19.53 -6.96
CA TYR C 235 12.20 19.69 -5.93
C TYR C 235 10.95 20.35 -6.50
N CYS C 236 10.65 20.06 -7.76
CA CYS C 236 9.37 20.37 -8.39
C CYS C 236 8.86 19.06 -8.98
N PRO C 237 8.27 18.21 -8.16
CA PRO C 237 7.80 16.89 -8.60
C PRO C 237 6.45 16.92 -9.32
N ILE C 238 6.32 17.82 -10.29
CA ILE C 238 5.15 17.90 -11.16
C ILE C 238 5.56 17.33 -12.51
N PHE C 239 5.07 16.13 -12.81
CA PHE C 239 5.44 15.41 -14.02
C PHE C 239 4.27 15.36 -14.98
N LYS C 240 4.52 15.63 -16.25
CA LYS C 240 3.55 15.31 -17.28
C LYS C 240 3.51 13.82 -17.51
N LEU C 241 2.32 13.31 -17.83
CA LEU C 241 2.17 11.89 -18.09
C LEU C 241 3.01 11.44 -19.27
N GLY C 242 3.06 12.26 -20.32
CA GLY C 242 3.91 11.96 -21.46
C GLY C 242 5.38 11.88 -21.13
N PHE C 243 5.86 12.75 -20.24
CA PHE C 243 7.25 12.68 -19.79
C PHE C 243 7.51 11.37 -19.05
N ILE C 244 6.60 10.97 -18.16
CA ILE C 244 6.75 9.71 -17.45
C ILE C 244 6.79 8.54 -18.42
N VAL C 245 5.91 8.57 -19.42
CA VAL C 245 5.85 7.46 -20.38
C VAL C 245 7.11 7.40 -21.23
N GLU C 246 7.59 8.56 -21.72
CA GLU C 246 8.76 8.54 -22.59
C GLU C 246 10.02 8.17 -21.81
N LYS C 247 10.14 8.62 -20.55
CA LYS C 247 11.25 8.16 -19.73
C LYS C 247 11.16 6.68 -19.41
N ALA C 248 9.97 6.10 -19.44
CA ALA C 248 9.81 4.67 -19.27
C ALA C 248 10.07 3.89 -20.56
N GLY C 249 10.29 4.59 -21.67
CA GLY C 249 10.54 3.94 -22.94
C GLY C 249 9.31 3.46 -23.65
N GLU C 250 8.13 3.95 -23.27
CA GLU C 250 6.87 3.46 -23.81
C GLU C 250 6.30 4.42 -24.84
N SER C 251 5.46 3.88 -25.72
CA SER C 251 4.73 4.66 -26.70
C SER C 251 3.34 4.96 -26.15
N PHE C 252 2.95 6.23 -26.19
CA PHE C 252 1.73 6.66 -25.52
C PHE C 252 0.49 6.09 -26.18
N THR C 253 0.46 5.99 -27.50
CA THR C 253 -0.74 5.50 -28.19
C THR C 253 -1.02 4.05 -27.83
N GLU C 254 0.01 3.20 -27.88
CA GLU C 254 -0.17 1.79 -27.52
C GLU C 254 -0.46 1.60 -26.05
N LEU C 255 0.19 2.35 -25.17
CA LEU C 255 -0.06 2.27 -23.75
C LEU C 255 -1.37 2.93 -23.34
N ALA C 256 -2.01 3.67 -24.24
CA ALA C 256 -3.27 4.35 -23.97
C ALA C 256 -4.46 3.57 -24.49
N HIS C 257 -4.33 2.97 -25.68
CA HIS C 257 -5.43 2.16 -26.20
C HIS C 257 -5.59 0.87 -25.42
N LYS C 258 -4.50 0.17 -25.15
CA LYS C 258 -4.56 -1.11 -24.45
C LYS C 258 -4.38 -0.98 -22.95
N GLY C 259 -3.73 0.07 -22.49
CA GLY C 259 -3.47 0.27 -21.08
C GLY C 259 -2.09 -0.22 -20.69
N GLY C 260 -1.69 0.16 -19.49
CA GLY C 260 -0.39 -0.25 -18.97
C GLY C 260 -0.21 0.23 -17.56
N VAL C 261 0.88 -0.22 -16.95
CA VAL C 261 1.27 0.16 -15.61
C VAL C 261 2.67 0.73 -15.66
N ILE C 262 2.82 1.97 -15.20
CA ILE C 262 4.12 2.65 -15.15
C ILE C 262 4.40 3.00 -13.69
N GLY C 263 5.62 2.69 -13.25
CA GLY C 263 6.03 2.92 -11.88
C GLY C 263 6.99 4.10 -11.80
N VAL C 264 6.68 5.03 -10.91
CA VAL C 264 7.56 6.15 -10.60
C VAL C 264 8.33 5.78 -9.34
N ILE C 265 9.60 5.44 -9.49
CA ILE C 265 10.42 4.95 -8.40
C ILE C 265 11.26 6.09 -7.86
N ILE C 266 11.19 6.30 -6.55
CA ILE C 266 12.01 7.29 -5.86
C ILE C 266 12.99 6.53 -4.98
N ASN C 267 14.28 6.68 -5.27
CA ASN C 267 15.34 6.04 -4.50
C ASN C 267 16.08 7.11 -3.70
N TRP C 268 16.02 6.99 -2.38
CA TRP C 268 16.79 7.86 -1.48
C TRP C 268 18.09 7.21 -1.04
N ASP C 269 18.96 6.86 -1.98
CA ASP C 269 20.28 6.36 -1.61
C ASP C 269 21.04 7.46 -0.90
N CYS C 270 21.21 7.33 0.40
CA CYS C 270 21.60 8.44 1.24
C CYS C 270 22.88 8.10 1.97
N ASP C 271 23.83 9.04 1.96
CA ASP C 271 25.02 8.96 2.79
C ASP C 271 24.92 10.02 3.89
N LEU C 272 24.82 9.57 5.13
CA LEU C 272 24.52 10.47 6.23
C LEU C 272 25.75 11.15 6.82
N ASP C 273 26.96 10.75 6.41
CA ASP C 273 28.14 11.52 6.81
C ASP C 273 28.15 12.88 6.13
N LEU C 274 27.53 12.98 4.96
CA LEU C 274 27.39 14.24 4.24
C LEU C 274 26.20 15.04 4.79
N PRO C 275 26.19 16.35 4.58
CA PRO C 275 25.08 17.17 5.09
C PRO C 275 23.75 16.75 4.46
N ALA C 276 22.67 17.25 5.06
CA ALA C 276 21.33 16.90 4.61
C ALA C 276 21.03 17.41 3.20
N SER C 277 21.76 18.43 2.74
CA SER C 277 21.60 18.90 1.37
C SER C 277 22.19 17.94 0.34
N GLU C 278 22.92 16.93 0.79
CA GLU C 278 23.51 15.92 -0.08
C GLU C 278 22.66 14.66 -0.18
N CYS C 279 21.47 14.66 0.41
CA CYS C 279 20.52 13.55 0.27
C CYS C 279 19.38 14.00 -0.61
N ASN C 280 19.24 13.37 -1.77
CA ASN C 280 18.31 13.83 -2.79
C ASN C 280 17.49 12.66 -3.30
N PRO C 281 16.30 12.94 -3.84
CA PRO C 281 15.48 11.87 -4.41
C PRO C 281 15.87 11.60 -5.86
N LYS C 282 15.93 10.32 -6.25
CA LYS C 282 16.22 9.98 -7.66
C LYS C 282 14.97 9.35 -8.27
N TYR C 283 14.38 10.02 -9.26
CA TYR C 283 13.11 9.51 -9.84
C TYR C 283 13.42 8.67 -11.07
N SER C 284 13.01 7.41 -11.04
CA SER C 284 13.18 6.51 -12.20
C SER C 284 11.79 6.06 -12.64
N PHE C 285 11.60 5.89 -13.94
CA PHE C 285 10.31 5.46 -14.47
C PHE C 285 10.51 4.18 -15.28
N ARG C 286 9.68 3.19 -15.01
CA ARG C 286 9.74 1.94 -15.76
C ARG C 286 8.37 1.30 -15.78
N ARG C 287 8.11 0.53 -16.83
CA ARG C 287 6.83 -0.17 -16.96
C ARG C 287 6.85 -1.41 -16.08
N LEU C 288 5.78 -1.61 -15.33
CA LEU C 288 5.75 -2.68 -14.34
C LEU C 288 4.93 -3.88 -14.77
N ASP C 289 4.11 -3.76 -15.80
CA ASP C 289 3.31 -4.90 -16.24
C ASP C 289 4.11 -5.79 -17.19
N PRO C 290 3.67 -7.04 -17.39
CA PRO C 290 4.37 -7.91 -18.34
C PRO C 290 4.14 -7.47 -19.77
N LYS C 291 4.90 -6.47 -20.21
CA LYS C 291 4.71 -5.88 -21.54
C LYS C 291 5.03 -6.85 -22.66
N HIS C 292 5.73 -7.95 -22.37
CA HIS C 292 6.10 -8.92 -23.40
C HIS C 292 5.12 -10.07 -23.54
N VAL C 293 4.45 -10.46 -22.45
CA VAL C 293 3.46 -11.54 -22.52
C VAL C 293 2.21 -11.00 -23.21
N PRO C 294 1.81 -11.58 -24.34
CA PRO C 294 0.61 -11.07 -25.03
C PRO C 294 -0.65 -11.16 -24.19
N ALA C 295 -0.80 -12.20 -23.36
CA ALA C 295 -2.03 -12.38 -22.60
C ALA C 295 -2.15 -11.37 -21.47
N SER C 296 -1.06 -11.13 -20.74
CA SER C 296 -1.10 -10.31 -19.53
C SER C 296 -0.67 -8.87 -19.76
N SER C 297 -0.40 -8.48 -21.00
CA SER C 297 -0.01 -7.10 -21.28
C SER C 297 -1.24 -6.22 -21.35
N GLY C 298 -1.23 -5.13 -20.59
CA GLY C 298 -2.34 -4.20 -20.55
C GLY C 298 -2.88 -4.04 -19.15
N TYR C 299 -3.66 -2.97 -18.97
CA TYR C 299 -4.33 -2.73 -17.70
C TYR C 299 -5.74 -2.23 -18.00
N ASN C 300 -6.73 -2.82 -17.33
CA ASN C 300 -8.11 -2.41 -17.47
C ASN C 300 -8.90 -2.87 -16.25
N PHE C 301 -10.06 -2.24 -16.06
CA PHE C 301 -10.96 -2.60 -14.98
C PHE C 301 -12.35 -2.10 -15.32
N ARG C 302 -13.35 -2.63 -14.61
CA ARG C 302 -14.74 -2.26 -14.82
C ARG C 302 -15.28 -1.54 -13.59
N PHE C 303 -16.03 -0.48 -13.83
CA PHE C 303 -16.85 0.15 -12.81
C PHE C 303 -18.14 0.62 -13.46
N ALA C 304 -19.19 0.77 -12.65
CA ALA C 304 -20.52 1.07 -13.16
C ALA C 304 -21.10 2.28 -12.44
N LYS C 305 -22.01 2.96 -13.14
CA LYS C 305 -22.76 4.09 -12.61
C LYS C 305 -24.20 3.63 -12.46
N TYR C 306 -24.72 3.72 -11.24
CA TYR C 306 -26.00 3.11 -10.91
C TYR C 306 -27.11 4.16 -10.85
N TYR C 307 -28.23 3.86 -11.48
CA TYR C 307 -29.37 4.77 -11.53
C TYR C 307 -30.65 3.98 -11.26
N LYS C 308 -31.66 4.69 -10.76
CA LYS C 308 -33.03 4.20 -10.68
C LYS C 308 -33.85 4.87 -11.78
N ILE C 309 -34.31 4.10 -12.74
CA ILE C 309 -35.16 4.59 -13.82
C ILE C 309 -36.52 3.91 -13.67
N ASN C 310 -37.54 4.70 -13.34
CA ASN C 310 -38.90 4.20 -13.14
C ASN C 310 -38.94 3.10 -12.08
N GLY C 311 -38.12 3.25 -11.05
CA GLY C 311 -38.08 2.30 -9.95
C GLY C 311 -37.24 1.07 -10.19
N THR C 312 -36.65 0.93 -11.37
CA THR C 312 -35.81 -0.22 -11.71
C THR C 312 -34.36 0.21 -11.76
N THR C 313 -33.49 -0.61 -11.20
CA THR C 313 -32.06 -0.29 -11.13
C THR C 313 -31.42 -0.52 -12.49
N THR C 314 -31.03 0.56 -13.14
CA THR C 314 -30.22 0.52 -14.34
C THR C 314 -28.79 0.91 -14.00
N ARG C 315 -27.87 0.61 -14.91
CA ARG C 315 -26.47 0.92 -14.67
C ARG C 315 -25.75 1.14 -15.99
N THR C 316 -24.62 1.82 -15.91
CA THR C 316 -23.75 2.08 -17.04
C THR C 316 -22.41 1.40 -16.75
N LEU C 317 -22.22 0.21 -17.30
CA LEU C 317 -20.97 -0.52 -17.08
C LEU C 317 -19.88 0.08 -17.96
N ILE C 318 -18.81 0.55 -17.33
CA ILE C 318 -17.69 1.16 -18.03
C ILE C 318 -16.48 0.27 -17.86
N LYS C 319 -15.91 -0.19 -18.97
CA LYS C 319 -14.63 -0.89 -18.96
C LYS C 319 -13.55 0.10 -19.34
N ALA C 320 -12.66 0.38 -18.39
CA ALA C 320 -11.70 1.47 -18.51
C ALA C 320 -10.32 0.91 -18.80
N TYR C 321 -9.75 1.31 -19.93
CA TYR C 321 -8.35 1.05 -20.24
C TYR C 321 -7.55 2.30 -19.94
N GLY C 322 -6.50 2.16 -19.14
CA GLY C 322 -5.73 3.33 -18.77
C GLY C 322 -4.36 2.96 -18.26
N ILE C 323 -3.62 4.00 -17.88
CA ILE C 323 -2.26 3.87 -17.38
C ILE C 323 -2.32 4.04 -15.87
N ARG C 324 -1.90 2.98 -15.16
CA ARG C 324 -1.80 3.03 -13.68
C ARG C 324 -0.43 3.57 -13.27
N ILE C 325 -0.38 4.57 -12.38
CA ILE C 325 0.88 5.08 -11.87
C ILE C 325 1.06 4.56 -10.46
N ASP C 326 2.12 3.78 -10.25
CA ASP C 326 2.55 3.40 -8.90
C ASP C 326 3.78 4.22 -8.55
N VAL C 327 3.74 4.87 -7.40
CA VAL C 327 4.89 5.57 -6.87
C VAL C 327 5.54 4.67 -5.82
N ILE C 328 6.72 4.14 -6.14
CA ILE C 328 7.45 3.24 -5.26
C ILE C 328 8.62 4.01 -4.68
N VAL C 329 8.75 3.99 -3.36
CA VAL C 329 9.82 4.70 -2.66
C VAL C 329 10.75 3.65 -2.06
N HIS C 330 12.03 3.77 -2.36
CA HIS C 330 13.05 2.83 -1.91
C HIS C 330 14.14 3.60 -1.17
N GLY C 331 14.65 2.99 -0.11
CA GLY C 331 15.65 3.65 0.70
C GLY C 331 16.87 2.82 1.03
N GLN C 332 18.02 3.49 1.14
CA GLN C 332 19.26 2.85 1.54
C GLN C 332 20.16 3.92 2.14
N ALA C 333 20.18 3.99 3.46
CA ALA C 333 20.99 4.96 4.18
C ALA C 333 22.29 4.33 4.66
N GLY C 334 23.22 5.19 5.04
CA GLY C 334 24.50 4.74 5.55
C GLY C 334 25.11 5.79 6.44
N LYS C 335 25.70 5.32 7.54
CA LYS C 335 26.35 6.22 8.47
C LYS C 335 27.53 5.50 9.09
N PHE C 336 28.60 6.25 9.35
CA PHE C 336 29.81 5.67 9.93
C PHE C 336 29.50 5.03 11.28
N SER C 337 29.93 3.78 11.44
CA SER C 337 29.77 3.05 12.68
C SER C 337 31.11 2.45 13.08
N LEU C 338 31.40 2.48 14.38
CA LEU C 338 32.71 2.08 14.85
C LEU C 338 32.89 0.57 14.82
N ILE C 339 31.83 -0.20 15.04
CA ILE C 339 31.90 -1.66 15.08
C ILE C 339 32.36 -2.21 13.74
N PRO C 340 31.74 -1.83 12.61
CA PRO C 340 32.27 -2.31 11.32
C PRO C 340 33.69 -1.88 11.06
N THR C 341 34.05 -0.65 11.44
CA THR C 341 35.40 -0.16 11.21
C THR C 341 36.43 -1.02 11.95
N ILE C 342 36.17 -1.31 13.22
CA ILE C 342 37.12 -2.12 13.98
C ILE C 342 37.14 -3.56 13.50
N ILE C 343 36.00 -4.12 13.09
CA ILE C 343 35.98 -5.46 12.54
C ILE C 343 36.88 -5.54 11.31
N ASN C 344 36.73 -4.57 10.40
CA ASN C 344 37.52 -4.58 9.17
C ASN C 344 38.98 -4.28 9.43
N LEU C 345 39.30 -3.43 10.41
CA LEU C 345 40.70 -3.20 10.76
C LEU C 345 41.35 -4.47 11.30
N ALA C 346 40.64 -5.20 12.16
CA ALA C 346 41.16 -6.46 12.67
C ALA C 346 41.36 -7.45 11.53
N THR C 347 40.41 -7.49 10.58
CA THR C 347 40.56 -8.35 9.42
C THR C 347 41.78 -7.97 8.60
N ALA C 348 42.03 -6.67 8.42
CA ALA C 348 43.20 -6.23 7.68
C ALA C 348 44.49 -6.67 8.35
N LEU C 349 44.56 -6.51 9.68
CA LEU C 349 45.76 -6.94 10.39
C LEU C 349 45.98 -8.44 10.26
N THR C 350 44.91 -9.22 10.41
CA THR C 350 45.02 -10.67 10.25
C THR C 350 45.46 -11.04 8.84
N SER C 351 44.95 -10.33 7.84
CA SER C 351 45.33 -10.60 6.45
C SER C 351 46.80 -10.29 6.19
N VAL C 352 47.30 -9.19 6.76
CA VAL C 352 48.72 -8.88 6.63
C VAL C 352 49.56 -9.97 7.30
N GLY C 353 49.09 -10.46 8.45
CA GLY C 353 49.79 -11.59 9.07
C GLY C 353 49.78 -12.83 8.21
N VAL C 354 48.68 -13.10 7.53
CA VAL C 354 48.60 -14.27 6.65
C VAL C 354 49.57 -14.10 5.47
N GLY C 355 49.69 -12.88 4.96
CA GLY C 355 50.70 -12.62 3.95
C GLY C 355 52.11 -12.85 4.46
N SER C 356 52.37 -12.44 5.71
CA SER C 356 53.64 -12.74 6.36
C SER C 356 53.90 -14.25 6.36
N PHE C 357 52.91 -15.03 6.77
CA PHE C 357 53.07 -16.47 6.84
C PHE C 357 53.33 -17.06 5.46
N LEU C 358 52.60 -16.57 4.45
CA LEU C 358 52.80 -17.08 3.09
C LEU C 358 54.21 -16.78 2.58
N CYS C 359 54.69 -15.56 2.81
CA CYS C 359 56.05 -15.23 2.37
C CYS C 359 57.08 -16.10 3.07
N ASP C 360 56.93 -16.28 4.38
CA ASP C 360 57.89 -17.12 5.11
C ASP C 360 57.84 -18.56 4.62
N TRP C 361 56.64 -19.07 4.33
CA TRP C 361 56.49 -20.44 3.87
C TRP C 361 57.12 -20.63 2.50
N ILE C 362 56.97 -19.64 1.61
CA ILE C 362 57.62 -19.71 0.31
C ILE C 362 59.14 -19.67 0.47
N LEU C 363 59.64 -18.83 1.36
CA LEU C 363 61.08 -18.75 1.57
C LEU C 363 61.64 -20.06 2.13
N LEU C 364 60.93 -20.67 3.08
CA LEU C 364 61.39 -21.93 3.65
C LEU C 364 61.38 -23.03 2.60
N THR C 365 60.38 -23.05 1.74
CA THR C 365 60.29 -24.06 0.68
C THR C 365 60.43 -23.42 -0.69
#